data_1N7E
# 
_entry.id   1N7E 
# 
_audit_conform.dict_name       mmcif_pdbx.dic 
_audit_conform.dict_version    5.387 
_audit_conform.dict_location   http://mmcif.pdb.org/dictionaries/ascii/mmcif_pdbx.dic 
# 
loop_
_database_2.database_id 
_database_2.database_code 
_database_2.pdbx_database_accession 
_database_2.pdbx_DOI 
PDB   1N7E         pdb_00001n7e 10.2210/pdb1n7e/pdb 
RCSB  RCSB017611   ?            ?                   
WWPDB D_1000017611 ?            ?                   
# 
loop_
_pdbx_audit_revision_history.ordinal 
_pdbx_audit_revision_history.data_content_type 
_pdbx_audit_revision_history.major_revision 
_pdbx_audit_revision_history.minor_revision 
_pdbx_audit_revision_history.revision_date 
1 'Structure model' 1 0 2003-08-12 
2 'Structure model' 1 1 2008-04-28 
3 'Structure model' 1 2 2011-07-13 
4 'Structure model' 1 3 2024-03-13 
# 
_pdbx_audit_revision_details.ordinal             1 
_pdbx_audit_revision_details.revision_ordinal    1 
_pdbx_audit_revision_details.data_content_type   'Structure model' 
_pdbx_audit_revision_details.provider            repository 
_pdbx_audit_revision_details.type                'Initial release' 
_pdbx_audit_revision_details.description         ? 
_pdbx_audit_revision_details.details             ? 
# 
loop_
_pdbx_audit_revision_group.ordinal 
_pdbx_audit_revision_group.revision_ordinal 
_pdbx_audit_revision_group.data_content_type 
_pdbx_audit_revision_group.group 
1 2 'Structure model' 'Version format compliance' 
2 3 'Structure model' 'Version format compliance' 
3 4 'Structure model' 'Data collection'           
4 4 'Structure model' 'Database references'       
# 
loop_
_pdbx_audit_revision_category.ordinal 
_pdbx_audit_revision_category.revision_ordinal 
_pdbx_audit_revision_category.data_content_type 
_pdbx_audit_revision_category.category 
1 4 'Structure model' chem_comp_atom 
2 4 'Structure model' chem_comp_bond 
3 4 'Structure model' database_2     
# 
loop_
_pdbx_audit_revision_item.ordinal 
_pdbx_audit_revision_item.revision_ordinal 
_pdbx_audit_revision_item.data_content_type 
_pdbx_audit_revision_item.item 
1 4 'Structure model' '_database_2.pdbx_DOI'                
2 4 'Structure model' '_database_2.pdbx_database_accession' 
# 
_pdbx_database_status.status_code                     REL 
_pdbx_database_status.entry_id                        1N7E 
_pdbx_database_status.recvd_initial_deposition_date   2002-11-14 
_pdbx_database_status.deposit_site                    RCSB 
_pdbx_database_status.process_site                    PDBJ 
_pdbx_database_status.status_code_sf                  REL 
_pdbx_database_status.SG_entry                        . 
_pdbx_database_status.pdb_format_compatible           Y 
_pdbx_database_status.status_code_mr                  ? 
_pdbx_database_status.status_code_cs                  ? 
_pdbx_database_status.status_code_nmr_data            ? 
_pdbx_database_status.methods_development_category    ? 
# 
_pdbx_database_related.db_name        PDB 
_pdbx_database_related.db_id          1N7F 
_pdbx_database_related.details        'the sixth PDZ domain of GRIP1 in complex with liprin C-terminal peptide' 
_pdbx_database_related.content_type   unspecified 
# 
loop_
_audit_author.name 
_audit_author.pdbx_ordinal 
'Im, Y.J.'   1 
'Park, S.H.' 2 
'Rho, S.H.'  3 
'Lee, J.H.'  4 
'Kang, G.B.' 5 
'Sheng, M.'  6 
'Kim, E.'    7 
'Eom, S.H.'  8 
# 
_citation.id                        primary 
_citation.title                     
;Crystal structure of GRIP1 PDZ6-peptide complex reveals the structural basis for class II PDZ target recognition and PDZ domain-mediated multimerization
;
_citation.journal_abbrev            J.BIOL.CHEM. 
_citation.journal_volume            278 
_citation.page_first                8501 
_citation.page_last                 8507 
_citation.year                      2003 
_citation.journal_id_ASTM           JBCHA3 
_citation.country                   US 
_citation.journal_id_ISSN           0021-9258 
_citation.journal_id_CSD            0071 
_citation.book_publisher            ? 
_citation.pdbx_database_id_PubMed   12493751 
_citation.pdbx_database_id_DOI      10.1074/jbc.M212263200 
# 
loop_
_citation_author.citation_id 
_citation_author.name 
_citation_author.ordinal 
_citation_author.identifier_ORCID 
primary 'Im, Y.J.'   1 ? 
primary 'Park, S.H.' 2 ? 
primary 'Rho, S.H.'  3 ? 
primary 'Lee, J.H.'  4 ? 
primary 'Kang, G.B.' 5 ? 
primary 'Sheng, M.'  6 ? 
primary 'Kim, E.'    7 ? 
primary 'Eom, S.H.'  8 ? 
# 
loop_
_entity.id 
_entity.type 
_entity.src_method 
_entity.pdbx_description 
_entity.formula_weight 
_entity.pdbx_number_of_molecules 
_entity.pdbx_ec 
_entity.pdbx_mutation 
_entity.pdbx_fragment 
_entity.details 
1 polymer man 'AMPA receptor interacting protein GRIP' 10142.639 1   ? ? 'sixth PDZ domain' ? 
2 water   nat water                                    18.015    141 ? ? ?                  ? 
# 
_entity_name_com.entity_id   1 
_entity_name_com.name        'glutamate receptor interacting protein 1' 
# 
_entity_poly.entity_id                      1 
_entity_poly.type                           'polypeptide(L)' 
_entity_poly.nstd_linkage                   no 
_entity_poly.nstd_monomer                   no 
_entity_poly.pdbx_seq_one_letter_code       
;SSGAIIYTVELKRYGGPLGITISGTEEPFDPIIISSLTKGGLAERTGAIHIGDRILAINSSSLKGKPLSEAIHLLQMAGE
TVTLKIKKQTDAQPASS
;
_entity_poly.pdbx_seq_one_letter_code_can   
;SSGAIIYTVELKRYGGPLGITISGTEEPFDPIIISSLTKGGLAERTGAIHIGDRILAINSSSLKGKPLSEAIHLLQMAGE
TVTLKIKKQTDAQPASS
;
_entity_poly.pdbx_strand_id                 A 
_entity_poly.pdbx_target_identifier         ? 
# 
_pdbx_entity_nonpoly.entity_id   2 
_pdbx_entity_nonpoly.name        water 
_pdbx_entity_nonpoly.comp_id     HOH 
# 
loop_
_entity_poly_seq.entity_id 
_entity_poly_seq.num 
_entity_poly_seq.mon_id 
_entity_poly_seq.hetero 
1 1  SER n 
1 2  SER n 
1 3  GLY n 
1 4  ALA n 
1 5  ILE n 
1 6  ILE n 
1 7  TYR n 
1 8  THR n 
1 9  VAL n 
1 10 GLU n 
1 11 LEU n 
1 12 LYS n 
1 13 ARG n 
1 14 TYR n 
1 15 GLY n 
1 16 GLY n 
1 17 PRO n 
1 18 LEU n 
1 19 GLY n 
1 20 ILE n 
1 21 THR n 
1 22 ILE n 
1 23 SER n 
1 24 GLY n 
1 25 THR n 
1 26 GLU n 
1 27 GLU n 
1 28 PRO n 
1 29 PHE n 
1 30 ASP n 
1 31 PRO n 
1 32 ILE n 
1 33 ILE n 
1 34 ILE n 
1 35 SER n 
1 36 SER n 
1 37 LEU n 
1 38 THR n 
1 39 LYS n 
1 40 GLY n 
1 41 GLY n 
1 42 LEU n 
1 43 ALA n 
1 44 GLU n 
1 45 ARG n 
1 46 THR n 
1 47 GLY n 
1 48 ALA n 
1 49 ILE n 
1 50 HIS n 
1 51 ILE n 
1 52 GLY n 
1 53 ASP n 
1 54 ARG n 
1 55 ILE n 
1 56 LEU n 
1 57 ALA n 
1 58 ILE n 
1 59 ASN n 
1 60 SER n 
1 61 SER n 
1 62 SER n 
1 63 LEU n 
1 64 LYS n 
1 65 GLY n 
1 66 LYS n 
1 67 PRO n 
1 68 LEU n 
1 69 SER n 
1 70 GLU n 
1 71 ALA n 
1 72 ILE n 
1 73 HIS n 
1 74 LEU n 
1 75 LEU n 
1 76 GLN n 
1 77 MET n 
1 78 ALA n 
1 79 GLY n 
1 80 GLU n 
1 81 THR n 
1 82 VAL n 
1 83 THR n 
1 84 LEU n 
1 85 LYS n 
1 86 ILE n 
1 87 LYS n 
1 88 LYS n 
1 89 GLN n 
1 90 THR n 
1 91 ASP n 
1 92 ALA n 
1 93 GLN n 
1 94 PRO n 
1 95 ALA n 
1 96 SER n 
1 97 SER n 
# 
_entity_src_gen.entity_id                          1 
_entity_src_gen.pdbx_src_id                        1 
_entity_src_gen.pdbx_alt_source_flag               sample 
_entity_src_gen.pdbx_seq_type                      ? 
_entity_src_gen.pdbx_beg_seq_num                   ? 
_entity_src_gen.pdbx_end_seq_num                   ? 
_entity_src_gen.gene_src_common_name               'Norway rat' 
_entity_src_gen.gene_src_genus                     Rattus 
_entity_src_gen.pdbx_gene_src_gene                 Grip1 
_entity_src_gen.gene_src_species                   ? 
_entity_src_gen.gene_src_strain                    ? 
_entity_src_gen.gene_src_tissue                    ? 
_entity_src_gen.gene_src_tissue_fraction           ? 
_entity_src_gen.gene_src_details                   ? 
_entity_src_gen.pdbx_gene_src_fragment             ? 
_entity_src_gen.pdbx_gene_src_scientific_name      'Rattus norvegicus' 
_entity_src_gen.pdbx_gene_src_ncbi_taxonomy_id     10116 
_entity_src_gen.pdbx_gene_src_variant              ? 
_entity_src_gen.pdbx_gene_src_cell_line            ? 
_entity_src_gen.pdbx_gene_src_atcc                 ? 
_entity_src_gen.pdbx_gene_src_organ                ? 
_entity_src_gen.pdbx_gene_src_organelle            ? 
_entity_src_gen.pdbx_gene_src_cell                 ? 
_entity_src_gen.pdbx_gene_src_cellular_location    ? 
_entity_src_gen.host_org_common_name               ? 
_entity_src_gen.pdbx_host_org_scientific_name      'Escherichia coli BL21(DE3)' 
_entity_src_gen.pdbx_host_org_ncbi_taxonomy_id     469008 
_entity_src_gen.host_org_genus                     Escherichia 
_entity_src_gen.pdbx_host_org_gene                 ? 
_entity_src_gen.pdbx_host_org_organ                ? 
_entity_src_gen.host_org_species                   'Escherichia coli' 
_entity_src_gen.pdbx_host_org_tissue               ? 
_entity_src_gen.pdbx_host_org_tissue_fraction      ? 
_entity_src_gen.pdbx_host_org_strain               'BL21(DE3)' 
_entity_src_gen.pdbx_host_org_variant              ? 
_entity_src_gen.pdbx_host_org_cell_line            ? 
_entity_src_gen.pdbx_host_org_atcc                 ? 
_entity_src_gen.pdbx_host_org_culture_collection   ? 
_entity_src_gen.pdbx_host_org_cell                 ? 
_entity_src_gen.pdbx_host_org_organelle            ? 
_entity_src_gen.pdbx_host_org_cellular_location    ? 
_entity_src_gen.pdbx_host_org_vector_type          Plasmid 
_entity_src_gen.pdbx_host_org_vector               ? 
_entity_src_gen.host_org_details                   ? 
_entity_src_gen.expression_system_id               ? 
_entity_src_gen.plasmid_name                       pGEX-4T 
_entity_src_gen.plasmid_details                    ? 
_entity_src_gen.pdbx_description                   ? 
# 
loop_
_chem_comp.id 
_chem_comp.type 
_chem_comp.mon_nstd_flag 
_chem_comp.name 
_chem_comp.pdbx_synonyms 
_chem_comp.formula 
_chem_comp.formula_weight 
ALA 'L-peptide linking' y ALANINE         ? 'C3 H7 N O2'     89.093  
ARG 'L-peptide linking' y ARGININE        ? 'C6 H15 N4 O2 1' 175.209 
ASN 'L-peptide linking' y ASPARAGINE      ? 'C4 H8 N2 O3'    132.118 
ASP 'L-peptide linking' y 'ASPARTIC ACID' ? 'C4 H7 N O4'     133.103 
GLN 'L-peptide linking' y GLUTAMINE       ? 'C5 H10 N2 O3'   146.144 
GLU 'L-peptide linking' y 'GLUTAMIC ACID' ? 'C5 H9 N O4'     147.129 
GLY 'peptide linking'   y GLYCINE         ? 'C2 H5 N O2'     75.067  
HIS 'L-peptide linking' y HISTIDINE       ? 'C6 H10 N3 O2 1' 156.162 
HOH non-polymer         . WATER           ? 'H2 O'           18.015  
ILE 'L-peptide linking' y ISOLEUCINE      ? 'C6 H13 N O2'    131.173 
LEU 'L-peptide linking' y LEUCINE         ? 'C6 H13 N O2'    131.173 
LYS 'L-peptide linking' y LYSINE          ? 'C6 H15 N2 O2 1' 147.195 
MET 'L-peptide linking' y METHIONINE      ? 'C5 H11 N O2 S'  149.211 
PHE 'L-peptide linking' y PHENYLALANINE   ? 'C9 H11 N O2'    165.189 
PRO 'L-peptide linking' y PROLINE         ? 'C5 H9 N O2'     115.130 
SER 'L-peptide linking' y SERINE          ? 'C3 H7 N O3'     105.093 
THR 'L-peptide linking' y THREONINE       ? 'C4 H9 N O3'     119.119 
TYR 'L-peptide linking' y TYROSINE        ? 'C9 H11 N O3'    181.189 
VAL 'L-peptide linking' y VALINE          ? 'C5 H11 N O2'    117.146 
# 
loop_
_pdbx_poly_seq_scheme.asym_id 
_pdbx_poly_seq_scheme.entity_id 
_pdbx_poly_seq_scheme.seq_id 
_pdbx_poly_seq_scheme.mon_id 
_pdbx_poly_seq_scheme.ndb_seq_num 
_pdbx_poly_seq_scheme.pdb_seq_num 
_pdbx_poly_seq_scheme.auth_seq_num 
_pdbx_poly_seq_scheme.pdb_mon_id 
_pdbx_poly_seq_scheme.auth_mon_id 
_pdbx_poly_seq_scheme.pdb_strand_id 
_pdbx_poly_seq_scheme.pdb_ins_code 
_pdbx_poly_seq_scheme.hetero 
A 1 1  SER 1  665 ?   ?   ?   A . n 
A 1 2  SER 2  666 ?   ?   ?   A . n 
A 1 3  GLY 3  667 667 GLY GLY A . n 
A 1 4  ALA 4  668 668 ALA ALA A . n 
A 1 5  ILE 5  669 669 ILE ILE A . n 
A 1 6  ILE 6  670 670 ILE ILE A . n 
A 1 7  TYR 7  671 671 TYR TYR A . n 
A 1 8  THR 8  672 672 THR THR A . n 
A 1 9  VAL 9  673 673 VAL VAL A . n 
A 1 10 GLU 10 674 674 GLU GLU A . n 
A 1 11 LEU 11 675 675 LEU LEU A . n 
A 1 12 LYS 12 676 676 LYS LYS A . n 
A 1 13 ARG 13 677 677 ARG ARG A . n 
A 1 14 TYR 14 678 678 TYR TYR A . n 
A 1 15 GLY 15 679 679 GLY GLY A . n 
A 1 16 GLY 16 680 680 GLY GLY A . n 
A 1 17 PRO 17 681 681 PRO PRO A . n 
A 1 18 LEU 18 682 682 LEU LEU A . n 
A 1 19 GLY 19 683 683 GLY GLY A . n 
A 1 20 ILE 20 684 684 ILE ILE A . n 
A 1 21 THR 21 685 685 THR THR A . n 
A 1 22 ILE 22 686 686 ILE ILE A . n 
A 1 23 SER 23 687 687 SER SER A . n 
A 1 24 GLY 24 688 688 GLY GLY A . n 
A 1 25 THR 25 689 689 THR THR A . n 
A 1 26 GLU 26 690 690 GLU GLU A . n 
A 1 27 GLU 27 691 691 GLU GLU A . n 
A 1 28 PRO 28 692 692 PRO PRO A . n 
A 1 29 PHE 29 693 693 PHE PHE A . n 
A 1 30 ASP 30 694 694 ASP ASP A . n 
A 1 31 PRO 31 695 695 PRO PRO A . n 
A 1 32 ILE 32 696 696 ILE ILE A . n 
A 1 33 ILE 33 697 697 ILE ILE A . n 
A 1 34 ILE 34 698 698 ILE ILE A . n 
A 1 35 SER 35 699 699 SER SER A . n 
A 1 36 SER 36 700 700 SER SER A . n 
A 1 37 LEU 37 701 701 LEU LEU A . n 
A 1 38 THR 38 702 702 THR THR A . n 
A 1 39 LYS 39 703 703 LYS LYS A . n 
A 1 40 GLY 40 704 704 GLY GLY A . n 
A 1 41 GLY 41 705 705 GLY GLY A . n 
A 1 42 LEU 42 706 706 LEU LEU A . n 
A 1 43 ALA 43 707 707 ALA ALA A . n 
A 1 44 GLU 44 708 708 GLU GLU A . n 
A 1 45 ARG 45 709 709 ARG ARG A . n 
A 1 46 THR 46 710 710 THR THR A . n 
A 1 47 GLY 47 711 711 GLY GLY A . n 
A 1 48 ALA 48 712 712 ALA ALA A . n 
A 1 49 ILE 49 713 713 ILE ILE A . n 
A 1 50 HIS 50 714 714 HIS HIS A . n 
A 1 51 ILE 51 715 715 ILE ILE A . n 
A 1 52 GLY 52 716 716 GLY GLY A . n 
A 1 53 ASP 53 717 717 ASP ASP A . n 
A 1 54 ARG 54 718 718 ARG ARG A . n 
A 1 55 ILE 55 719 719 ILE ILE A . n 
A 1 56 LEU 56 720 720 LEU LEU A . n 
A 1 57 ALA 57 721 721 ALA ALA A . n 
A 1 58 ILE 58 722 722 ILE ILE A . n 
A 1 59 ASN 59 723 723 ASN ASN A . n 
A 1 60 SER 60 724 724 SER SER A . n 
A 1 61 SER 61 725 725 SER SER A . n 
A 1 62 SER 62 726 726 SER SER A . n 
A 1 63 LEU 63 727 727 LEU LEU A . n 
A 1 64 LYS 64 728 728 LYS LYS A . n 
A 1 65 GLY 65 729 729 GLY GLY A . n 
A 1 66 LYS 66 730 730 LYS LYS A . n 
A 1 67 PRO 67 731 731 PRO PRO A . n 
A 1 68 LEU 68 732 732 LEU LEU A . n 
A 1 69 SER 69 733 733 SER SER A . n 
A 1 70 GLU 70 734 734 GLU GLU A . n 
A 1 71 ALA 71 735 735 ALA ALA A . n 
A 1 72 ILE 72 736 736 ILE ILE A . n 
A 1 73 HIS 73 737 737 HIS HIS A . n 
A 1 74 LEU 74 738 738 LEU LEU A . n 
A 1 75 LEU 75 739 739 LEU LEU A . n 
A 1 76 GLN 76 740 740 GLN GLN A . n 
A 1 77 MET 77 741 741 MET MET A . n 
A 1 78 ALA 78 742 742 ALA ALA A . n 
A 1 79 GLY 79 743 743 GLY GLY A . n 
A 1 80 GLU 80 744 744 GLU GLU A . n 
A 1 81 THR 81 745 745 THR THR A . n 
A 1 82 VAL 82 746 746 VAL VAL A . n 
A 1 83 THR 83 747 747 THR THR A . n 
A 1 84 LEU 84 748 748 LEU LEU A . n 
A 1 85 LYS 85 749 749 LYS LYS A . n 
A 1 86 ILE 86 750 750 ILE ILE A . n 
A 1 87 LYS 87 751 751 LYS LYS A . n 
A 1 88 LYS 88 752 752 LYS LYS A . n 
A 1 89 GLN 89 753 753 GLN GLN A . n 
A 1 90 THR 90 754 754 THR THR A . n 
A 1 91 ASP 91 755 755 ASP ASP A . n 
A 1 92 ALA 92 756 756 ALA ALA A . n 
A 1 93 GLN 93 757 757 GLN GLN A . n 
A 1 94 PRO 94 758 758 PRO PRO A . n 
A 1 95 ALA 95 759 759 ALA ALA A . n 
A 1 96 SER 96 760 760 SER SER A . n 
A 1 97 SER 97 761 761 SER SER A . n 
# 
loop_
_pdbx_nonpoly_scheme.asym_id 
_pdbx_nonpoly_scheme.entity_id 
_pdbx_nonpoly_scheme.mon_id 
_pdbx_nonpoly_scheme.ndb_seq_num 
_pdbx_nonpoly_scheme.pdb_seq_num 
_pdbx_nonpoly_scheme.auth_seq_num 
_pdbx_nonpoly_scheme.pdb_mon_id 
_pdbx_nonpoly_scheme.auth_mon_id 
_pdbx_nonpoly_scheme.pdb_strand_id 
_pdbx_nonpoly_scheme.pdb_ins_code 
B 2 HOH 1   1   1   HOH TIP A . 
B 2 HOH 2   2   2   HOH TIP A . 
B 2 HOH 3   3   3   HOH TIP A . 
B 2 HOH 4   4   4   HOH TIP A . 
B 2 HOH 5   5   5   HOH TIP A . 
B 2 HOH 6   6   6   HOH TIP A . 
B 2 HOH 7   7   7   HOH TIP A . 
B 2 HOH 8   8   8   HOH TIP A . 
B 2 HOH 9   9   9   HOH TIP A . 
B 2 HOH 10  10  10  HOH TIP A . 
B 2 HOH 11  11  11  HOH TIP A . 
B 2 HOH 12  12  12  HOH TIP A . 
B 2 HOH 13  13  13  HOH TIP A . 
B 2 HOH 14  14  14  HOH TIP A . 
B 2 HOH 15  15  15  HOH TIP A . 
B 2 HOH 16  16  16  HOH TIP A . 
B 2 HOH 17  17  17  HOH TIP A . 
B 2 HOH 18  18  18  HOH TIP A . 
B 2 HOH 19  19  19  HOH TIP A . 
B 2 HOH 20  20  20  HOH TIP A . 
B 2 HOH 21  21  21  HOH TIP A . 
B 2 HOH 22  22  22  HOH TIP A . 
B 2 HOH 23  23  23  HOH TIP A . 
B 2 HOH 24  24  24  HOH TIP A . 
B 2 HOH 25  25  25  HOH TIP A . 
B 2 HOH 26  26  26  HOH TIP A . 
B 2 HOH 27  27  27  HOH TIP A . 
B 2 HOH 28  28  28  HOH TIP A . 
B 2 HOH 29  29  29  HOH TIP A . 
B 2 HOH 30  30  30  HOH TIP A . 
B 2 HOH 31  31  31  HOH TIP A . 
B 2 HOH 32  32  32  HOH TIP A . 
B 2 HOH 33  33  33  HOH TIP A . 
B 2 HOH 34  34  34  HOH TIP A . 
B 2 HOH 35  35  35  HOH TIP A . 
B 2 HOH 36  36  36  HOH TIP A . 
B 2 HOH 37  37  37  HOH TIP A . 
B 2 HOH 38  38  38  HOH TIP A . 
B 2 HOH 39  39  39  HOH TIP A . 
B 2 HOH 40  40  40  HOH TIP A . 
B 2 HOH 41  41  41  HOH TIP A . 
B 2 HOH 42  42  42  HOH TIP A . 
B 2 HOH 43  43  43  HOH TIP A . 
B 2 HOH 44  44  44  HOH TIP A . 
B 2 HOH 45  45  45  HOH TIP A . 
B 2 HOH 46  46  46  HOH TIP A . 
B 2 HOH 47  47  47  HOH TIP A . 
B 2 HOH 48  48  48  HOH TIP A . 
B 2 HOH 49  49  49  HOH TIP A . 
B 2 HOH 50  50  50  HOH TIP A . 
B 2 HOH 51  51  51  HOH TIP A . 
B 2 HOH 52  52  52  HOH TIP A . 
B 2 HOH 53  53  53  HOH TIP A . 
B 2 HOH 54  54  54  HOH TIP A . 
B 2 HOH 55  55  55  HOH TIP A . 
B 2 HOH 56  56  56  HOH TIP A . 
B 2 HOH 57  57  57  HOH TIP A . 
B 2 HOH 58  58  58  HOH TIP A . 
B 2 HOH 59  59  59  HOH TIP A . 
B 2 HOH 60  60  60  HOH TIP A . 
B 2 HOH 61  61  61  HOH TIP A . 
B 2 HOH 62  62  62  HOH TIP A . 
B 2 HOH 63  63  63  HOH TIP A . 
B 2 HOH 64  64  64  HOH TIP A . 
B 2 HOH 65  65  65  HOH TIP A . 
B 2 HOH 66  66  66  HOH TIP A . 
B 2 HOH 67  67  67  HOH TIP A . 
B 2 HOH 68  68  68  HOH TIP A . 
B 2 HOH 69  69  69  HOH TIP A . 
B 2 HOH 70  70  70  HOH TIP A . 
B 2 HOH 71  71  71  HOH TIP A . 
B 2 HOH 72  72  72  HOH TIP A . 
B 2 HOH 73  73  73  HOH TIP A . 
B 2 HOH 74  74  74  HOH TIP A . 
B 2 HOH 75  75  75  HOH TIP A . 
B 2 HOH 76  76  76  HOH TIP A . 
B 2 HOH 77  78  78  HOH TIP A . 
B 2 HOH 78  79  79  HOH TIP A . 
B 2 HOH 79  80  80  HOH TIP A . 
B 2 HOH 80  81  81  HOH TIP A . 
B 2 HOH 81  82  82  HOH TIP A . 
B 2 HOH 82  83  83  HOH TIP A . 
B 2 HOH 83  84  84  HOH TIP A . 
B 2 HOH 84  85  85  HOH TIP A . 
B 2 HOH 85  86  86  HOH TIP A . 
B 2 HOH 86  87  87  HOH TIP A . 
B 2 HOH 87  89  89  HOH TIP A . 
B 2 HOH 88  90  90  HOH TIP A . 
B 2 HOH 89  91  91  HOH TIP A . 
B 2 HOH 90  92  92  HOH TIP A . 
B 2 HOH 91  93  93  HOH TIP A . 
B 2 HOH 92  94  94  HOH TIP A . 
B 2 HOH 93  95  95  HOH TIP A . 
B 2 HOH 94  96  96  HOH TIP A . 
B 2 HOH 95  97  97  HOH TIP A . 
B 2 HOH 96  98  98  HOH TIP A . 
B 2 HOH 97  99  99  HOH TIP A . 
B 2 HOH 98  100 100 HOH TIP A . 
B 2 HOH 99  101 101 HOH TIP A . 
B 2 HOH 100 102 102 HOH TIP A . 
B 2 HOH 101 103 103 HOH TIP A . 
B 2 HOH 102 104 104 HOH TIP A . 
B 2 HOH 103 105 105 HOH TIP A . 
B 2 HOH 104 106 106 HOH TIP A . 
B 2 HOH 105 107 107 HOH TIP A . 
B 2 HOH 106 108 108 HOH TIP A . 
B 2 HOH 107 109 109 HOH TIP A . 
B 2 HOH 108 110 110 HOH TIP A . 
B 2 HOH 109 111 111 HOH TIP A . 
B 2 HOH 110 112 112 HOH TIP A . 
B 2 HOH 111 113 113 HOH TIP A . 
B 2 HOH 112 114 114 HOH TIP A . 
B 2 HOH 113 115 115 HOH TIP A . 
B 2 HOH 114 116 116 HOH TIP A . 
B 2 HOH 115 117 117 HOH TIP A . 
B 2 HOH 116 118 118 HOH TIP A . 
B 2 HOH 117 119 119 HOH TIP A . 
B 2 HOH 118 120 120 HOH TIP A . 
B 2 HOH 119 121 121 HOH TIP A . 
B 2 HOH 120 122 122 HOH TIP A . 
B 2 HOH 121 123 123 HOH TIP A . 
B 2 HOH 122 124 124 HOH TIP A . 
B 2 HOH 123 125 125 HOH TIP A . 
B 2 HOH 124 126 126 HOH TIP A . 
B 2 HOH 125 127 127 HOH TIP A . 
B 2 HOH 126 128 128 HOH TIP A . 
B 2 HOH 127 129 129 HOH TIP A . 
B 2 HOH 128 130 130 HOH TIP A . 
B 2 HOH 129 131 131 HOH TIP A . 
B 2 HOH 130 132 132 HOH TIP A . 
B 2 HOH 131 133 133 HOH TIP A . 
B 2 HOH 132 134 134 HOH TIP A . 
B 2 HOH 133 135 135 HOH TIP A . 
B 2 HOH 134 136 136 HOH TIP A . 
B 2 HOH 135 137 137 HOH TIP A . 
B 2 HOH 136 138 138 HOH TIP A . 
B 2 HOH 137 139 139 HOH TIP A . 
B 2 HOH 138 140 140 HOH TIP A . 
B 2 HOH 139 141 141 HOH TIP A . 
B 2 HOH 140 142 142 HOH TIP A . 
B 2 HOH 141 143 143 HOH TIP A . 
# 
loop_
_pdbx_unobs_or_zero_occ_atoms.id 
_pdbx_unobs_or_zero_occ_atoms.PDB_model_num 
_pdbx_unobs_or_zero_occ_atoms.polymer_flag 
_pdbx_unobs_or_zero_occ_atoms.occupancy_flag 
_pdbx_unobs_or_zero_occ_atoms.auth_asym_id 
_pdbx_unobs_or_zero_occ_atoms.auth_comp_id 
_pdbx_unobs_or_zero_occ_atoms.auth_seq_id 
_pdbx_unobs_or_zero_occ_atoms.PDB_ins_code 
_pdbx_unobs_or_zero_occ_atoms.auth_atom_id 
_pdbx_unobs_or_zero_occ_atoms.label_alt_id 
_pdbx_unobs_or_zero_occ_atoms.label_asym_id 
_pdbx_unobs_or_zero_occ_atoms.label_comp_id 
_pdbx_unobs_or_zero_occ_atoms.label_seq_id 
_pdbx_unobs_or_zero_occ_atoms.label_atom_id 
1 1 Y 0 A GLN 757 ? CG  ? A GLN 93 CG  
2 1 Y 0 A GLN 757 ? CD  ? A GLN 93 CD  
3 1 Y 0 A GLN 757 ? OE1 ? A GLN 93 OE1 
4 1 Y 0 A GLN 757 ? NE2 ? A GLN 93 NE2 
# 
loop_
_software.name 
_software.classification 
_software.version 
_software.citation_id 
_software.pdbx_ordinal 
DENZO     'data reduction' . ? 1 
SCALEPACK 'data scaling'   . ? 2 
CNS       refinement       . ? 3 
CNS       phasing          . ? 4 
# 
_cell.entry_id           1N7E 
_cell.length_a           40.267 
_cell.length_b           40.267 
_cell.length_c           222.872 
_cell.angle_alpha        90.00 
_cell.angle_beta         90.00 
_cell.angle_gamma        120.00 
_cell.Z_PDB              12 
_cell.pdbx_unique_axis   ? 
# 
_symmetry.entry_id                         1N7E 
_symmetry.space_group_name_H-M             'P 65 2 2' 
_symmetry.pdbx_full_space_group_name_H-M   ? 
_symmetry.cell_setting                     ? 
_symmetry.Int_Tables_number                179 
# 
_exptl.entry_id          1N7E 
_exptl.method            'X-RAY DIFFRACTION' 
_exptl.crystals_number   1 
# 
_exptl_crystal.id                    1 
_exptl_crystal.density_meas          ? 
_exptl_crystal.density_Matthews      2.22 
_exptl_crystal.density_percent_sol   44.03 
_exptl_crystal.description           ? 
# 
_exptl_crystal_grow.crystal_id      1 
_exptl_crystal_grow.method          'VAPOR DIFFUSION, HANGING DROP' 
_exptl_crystal_grow.temp            293 
_exptl_crystal_grow.temp_details    ? 
_exptl_crystal_grow.pH              9.0 
_exptl_crystal_grow.pdbx_details    'PEG8000, pH 9.0, VAPOR DIFFUSION, HANGING DROP, temperature 293K' 
_exptl_crystal_grow.pdbx_pH_range   . 
# 
_diffrn.id                     1 
_diffrn.ambient_temp           110 
_diffrn.ambient_temp_details   ? 
_diffrn.crystal_id             1 
# 
_diffrn_detector.diffrn_id              1 
_diffrn_detector.detector               CCD 
_diffrn_detector.type                   'ADSC QUANTUM 4' 
_diffrn_detector.pdbx_collection_date   2000-09-21 
_diffrn_detector.details                ? 
# 
_diffrn_radiation.diffrn_id                        1 
_diffrn_radiation.wavelength_id                    1 
_diffrn_radiation.pdbx_monochromatic_or_laue_m_l   M 
_diffrn_radiation.monochromator                    'Si 111 CHANNEL' 
_diffrn_radiation.pdbx_diffrn_protocol             'SINGLE WAVELENGTH' 
_diffrn_radiation.pdbx_scattering_type             x-ray 
# 
_diffrn_radiation_wavelength.id           1 
_diffrn_radiation_wavelength.wavelength   0.9 
_diffrn_radiation_wavelength.wt           1.0 
# 
_diffrn_source.diffrn_id                   1 
_diffrn_source.source                      SYNCHROTRON 
_diffrn_source.type                        'NSLS BEAMLINE X8C' 
_diffrn_source.pdbx_synchrotron_site       NSLS 
_diffrn_source.pdbx_synchrotron_beamline   X8C 
_diffrn_source.pdbx_wavelength             ? 
_diffrn_source.pdbx_wavelength_list        0.9 
# 
_reflns.entry_id                     1N7E 
_reflns.observed_criterion_sigma_I   2 
_reflns.observed_criterion_sigma_F   2 
_reflns.d_resolution_low             15 
_reflns.d_resolution_high            1.5 
_reflns.number_obs                   151976 
_reflns.number_all                   154604 
_reflns.percent_possible_obs         98.3 
_reflns.pdbx_Rmerge_I_obs            0.043 
_reflns.pdbx_Rsym_value              0.043 
_reflns.pdbx_netI_over_sigmaI        11.5 
_reflns.B_iso_Wilson_estimate        22.3 
_reflns.pdbx_redundancy              7.6 
_reflns.R_free_details               ? 
_reflns.limit_h_max                  ? 
_reflns.limit_h_min                  ? 
_reflns.limit_k_max                  ? 
_reflns.limit_k_min                  ? 
_reflns.limit_l_max                  ? 
_reflns.limit_l_min                  ? 
_reflns.observed_criterion_F_max     ? 
_reflns.observed_criterion_F_min     ? 
_reflns.pdbx_diffrn_id               1 
_reflns.pdbx_ordinal                 1 
# 
_reflns_shell.d_res_high             1.5 
_reflns_shell.d_res_low              1.59 
_reflns_shell.percent_possible_all   93.3 
_reflns_shell.Rmerge_I_obs           0.36 
_reflns_shell.pdbx_Rsym_value        0.36 
_reflns_shell.meanI_over_sigI_obs    3.6 
_reflns_shell.pdbx_redundancy        ? 
_reflns_shell.percent_possible_obs   ? 
_reflns_shell.number_unique_all      ? 
_reflns_shell.pdbx_diffrn_id         ? 
_reflns_shell.pdbx_ordinal           1 
# 
_refine.entry_id                                 1N7E 
_refine.ls_number_reflns_obs                     17694 
_refine.ls_number_reflns_all                     154604 
_refine.pdbx_ls_sigma_I                          0 
_refine.pdbx_ls_sigma_F                          0 
_refine.pdbx_data_cutoff_high_absF               528947.23 
_refine.pdbx_data_cutoff_low_absF                0.000000 
_refine.ls_d_res_low                             14.78 
_refine.ls_d_res_high                            1.50 
_refine.ls_percent_reflns_obs                    96.6 
_refine.ls_R_factor_obs                          0.254 
_refine.ls_R_factor_all                          0.256 
_refine.ls_R_factor_R_work                       0.254 
_refine.ls_R_factor_R_free                       0.278 
_refine.ls_R_factor_R_free_error                 0.007 
_refine.ls_R_factor_R_free_error_details         ? 
_refine.ls_percent_reflns_R_free                 9.8 
_refine.ls_number_reflns_R_free                  1733 
_refine.ls_number_parameters                     ? 
_refine.ls_number_restraints                     ? 
_refine.occupancy_min                            ? 
_refine.occupancy_max                            ? 
_refine.correlation_coeff_Fo_to_Fc               ? 
_refine.correlation_coeff_Fo_to_Fc_free          ? 
_refine.B_iso_mean                               26.6 
_refine.aniso_B[1][1]                            3.60 
_refine.aniso_B[2][2]                            3.60 
_refine.aniso_B[3][3]                            -7.20 
_refine.aniso_B[1][2]                            1.25 
_refine.aniso_B[1][3]                            0.00 
_refine.aniso_B[2][3]                            0.00 
_refine.solvent_model_details                    'FLAT MODEL' 
_refine.solvent_model_param_ksol                 0.439491 
_refine.solvent_model_param_bsol                 60.1453 
_refine.pdbx_solvent_vdw_probe_radii             ? 
_refine.pdbx_solvent_ion_probe_radii             ? 
_refine.pdbx_solvent_shrinkage_radii             ? 
_refine.pdbx_ls_cross_valid_method               THROUGHOUT 
_refine.details                                  
'Structure was solved by Br-MAD phasing at the resolution of 1.9 angstrom, and it was refined using this data set.' 
_refine.pdbx_starting_model                      ? 
_refine.pdbx_method_to_determine_struct          'MOLECULAR REPLACEMENT' 
_refine.pdbx_isotropic_thermal_model             RESTRAINED 
_refine.pdbx_stereochemistry_target_values       'Engh & Huber' 
_refine.pdbx_stereochem_target_val_spec_case     ? 
_refine.pdbx_R_Free_selection_details            RANDOM 
_refine.pdbx_overall_ESU_R_Free                  ? 
_refine.overall_SU_B                             ? 
_refine.ls_redundancy_reflns_obs                 ? 
_refine.B_iso_min                                ? 
_refine.B_iso_max                                ? 
_refine.overall_SU_R_Cruickshank_DPI             ? 
_refine.overall_SU_R_free                        ? 
_refine.overall_SU_ML                            ? 
_refine.pdbx_overall_ESU_R                       ? 
_refine.pdbx_data_cutoff_high_rms_absF           ? 
_refine.pdbx_refine_id                           'X-RAY DIFFRACTION' 
_refine.pdbx_diffrn_id                           1 
_refine.pdbx_TLS_residual_ADP_flag               ? 
_refine.pdbx_overall_phase_error                 ? 
_refine.pdbx_overall_SU_R_free_Cruickshank_DPI   ? 
_refine.pdbx_overall_SU_R_Blow_DPI               ? 
_refine.pdbx_overall_SU_R_free_Blow_DPI          ? 
# 
_refine_analyze.entry_id                        1N7E 
_refine_analyze.Luzzati_coordinate_error_obs    0.25 
_refine_analyze.Luzzati_sigma_a_obs             0.24 
_refine_analyze.Luzzati_d_res_low_obs           5.00 
_refine_analyze.Luzzati_coordinate_error_free   0.28 
_refine_analyze.Luzzati_sigma_a_free            0.27 
_refine_analyze.Luzzati_d_res_low_free          ? 
_refine_analyze.number_disordered_residues      ? 
_refine_analyze.occupancy_sum_hydrogen          ? 
_refine_analyze.occupancy_sum_non_hydrogen      ? 
_refine_analyze.pdbx_Luzzati_d_res_high_obs     ? 
_refine_analyze.pdbx_refine_id                  'X-RAY DIFFRACTION' 
# 
_refine_hist.pdbx_refine_id                   'X-RAY DIFFRACTION' 
_refine_hist.cycle_id                         LAST 
_refine_hist.pdbx_number_atoms_protein        700 
_refine_hist.pdbx_number_atoms_nucleic_acid   0 
_refine_hist.pdbx_number_atoms_ligand         0 
_refine_hist.number_atoms_solvent             141 
_refine_hist.number_atoms_total               841 
_refine_hist.d_res_high                       1.50 
_refine_hist.d_res_low                        14.78 
# 
loop_
_refine_ls_restr.type 
_refine_ls_restr.dev_ideal 
_refine_ls_restr.dev_ideal_target 
_refine_ls_restr.weight 
_refine_ls_restr.number 
_refine_ls_restr.pdbx_refine_id 
_refine_ls_restr.pdbx_restraint_function 
c_bond_d                0.006 ? ? ? 'X-RAY DIFFRACTION' ? 
c_bond_d_na             ?     ? ? ? 'X-RAY DIFFRACTION' ? 
c_bond_d_prot           ?     ? ? ? 'X-RAY DIFFRACTION' ? 
c_angle_d               ?     ? ? ? 'X-RAY DIFFRACTION' ? 
c_angle_d_na            ?     ? ? ? 'X-RAY DIFFRACTION' ? 
c_angle_d_prot          ?     ? ? ? 'X-RAY DIFFRACTION' ? 
c_angle_deg             1.3   ? ? ? 'X-RAY DIFFRACTION' ? 
c_angle_deg_na          ?     ? ? ? 'X-RAY DIFFRACTION' ? 
c_angle_deg_prot        ?     ? ? ? 'X-RAY DIFFRACTION' ? 
c_dihedral_angle_d      25.5  ? ? ? 'X-RAY DIFFRACTION' ? 
c_dihedral_angle_d_na   ?     ? ? ? 'X-RAY DIFFRACTION' ? 
c_dihedral_angle_d_prot ?     ? ? ? 'X-RAY DIFFRACTION' ? 
c_improper_angle_d      0.90  ? ? ? 'X-RAY DIFFRACTION' ? 
c_improper_angle_d_na   ?     ? ? ? 'X-RAY DIFFRACTION' ? 
c_improper_angle_d_prot ?     ? ? ? 'X-RAY DIFFRACTION' ? 
c_mcbond_it             ?     ? ? ? 'X-RAY DIFFRACTION' ? 
c_mcangle_it            ?     ? ? ? 'X-RAY DIFFRACTION' ? 
c_scbond_it             ?     ? ? ? 'X-RAY DIFFRACTION' ? 
c_scangle_it            ?     ? ? ? 'X-RAY DIFFRACTION' ? 
# 
_refine_ls_shell.pdbx_total_number_of_bins_used   6 
_refine_ls_shell.d_res_high                       1.50 
_refine_ls_shell.d_res_low                        1.59 
_refine_ls_shell.number_reflns_R_work             2478 
_refine_ls_shell.R_factor_R_work                  0.354 
_refine_ls_shell.percent_reflns_obs               92.7 
_refine_ls_shell.R_factor_R_free                  0.394 
_refine_ls_shell.R_factor_R_free_error            0.025 
_refine_ls_shell.percent_reflns_R_free            9.2 
_refine_ls_shell.number_reflns_R_free             250 
_refine_ls_shell.number_reflns_obs                ? 
_refine_ls_shell.redundancy_reflns_obs            ? 
_refine_ls_shell.number_reflns_all                ? 
_refine_ls_shell.pdbx_refine_id                   'X-RAY DIFFRACTION' 
_refine_ls_shell.R_factor_all                     ? 
# 
loop_
_pdbx_xplor_file.serial_no 
_pdbx_xplor_file.param_file 
_pdbx_xplor_file.topol_file 
_pdbx_xplor_file.pdbx_refine_id 
1 PROTEIN_REP.PARAM PROTEIN.TOP 'X-RAY DIFFRACTION' 
2 WATER_REP.PARAM   WATER.TOP   'X-RAY DIFFRACTION' 
# 
_struct.entry_id                  1N7E 
_struct.title                     'Crystal structure of the sixth PDZ domain of GRIP1' 
_struct.pdbx_model_details        ? 
_struct.pdbx_CASP_flag            ? 
_struct.pdbx_model_type_details   ? 
# 
_struct_keywords.entry_id        1N7E 
_struct_keywords.pdbx_keywords   'PROTEIN BINDING' 
_struct_keywords.text            'PDZ, grip, PROTEIN BINDING' 
# 
loop_
_struct_asym.id 
_struct_asym.pdbx_blank_PDB_chainid_flag 
_struct_asym.pdbx_modified 
_struct_asym.entity_id 
_struct_asym.details 
A N N 1 ? 
B N N 2 ? 
# 
_struct_ref.id                         1 
_struct_ref.db_name                    UNP 
_struct_ref.db_code                    GRIP1_RAT 
_struct_ref.entity_id                  1 
_struct_ref.pdbx_seq_one_letter_code   
;SSGAIIYTVELKRYGGPLGITISGTEEPFDPIIISSLTKGGLAERTGAIHIGDRILAINSSSLKGKPLSEAIHLLQMAGE
TVTLKIKKQTDAQPASS
;
_struct_ref.pdbx_align_begin           ? 
_struct_ref.pdbx_db_accession          P97879 
_struct_ref.pdbx_db_isoform            ? 
# 
_struct_ref_seq.align_id                      1 
_struct_ref_seq.ref_id                        1 
_struct_ref_seq.pdbx_PDB_id_code              1N7E 
_struct_ref_seq.pdbx_strand_id                A 
_struct_ref_seq.seq_align_beg                 1 
_struct_ref_seq.pdbx_seq_align_beg_ins_code   ? 
_struct_ref_seq.seq_align_end                 97 
_struct_ref_seq.pdbx_seq_align_end_ins_code   ? 
_struct_ref_seq.pdbx_db_accession             P97879 
_struct_ref_seq.db_align_beg                  665 
_struct_ref_seq.pdbx_db_align_beg_ins_code    ? 
_struct_ref_seq.db_align_end                  761 
_struct_ref_seq.pdbx_db_align_end_ins_code    ? 
_struct_ref_seq.pdbx_auth_seq_align_beg       665 
_struct_ref_seq.pdbx_auth_seq_align_end       761 
# 
_pdbx_struct_assembly.id                   1 
_pdbx_struct_assembly.details              author_defined_assembly 
_pdbx_struct_assembly.method_details       ? 
_pdbx_struct_assembly.oligomeric_details   monomeric 
_pdbx_struct_assembly.oligomeric_count     1 
# 
_pdbx_struct_assembly_gen.assembly_id       1 
_pdbx_struct_assembly_gen.oper_expression   1 
_pdbx_struct_assembly_gen.asym_id_list      A,B 
# 
_pdbx_struct_oper_list.id                   1 
_pdbx_struct_oper_list.type                 'identity operation' 
_pdbx_struct_oper_list.name                 1_555 
_pdbx_struct_oper_list.symmetry_operation   x,y,z 
_pdbx_struct_oper_list.matrix[1][1]         1.0000000000 
_pdbx_struct_oper_list.matrix[1][2]         0.0000000000 
_pdbx_struct_oper_list.matrix[1][3]         0.0000000000 
_pdbx_struct_oper_list.vector[1]            0.0000000000 
_pdbx_struct_oper_list.matrix[2][1]         0.0000000000 
_pdbx_struct_oper_list.matrix[2][2]         1.0000000000 
_pdbx_struct_oper_list.matrix[2][3]         0.0000000000 
_pdbx_struct_oper_list.vector[2]            0.0000000000 
_pdbx_struct_oper_list.matrix[3][1]         0.0000000000 
_pdbx_struct_oper_list.matrix[3][2]         0.0000000000 
_pdbx_struct_oper_list.matrix[3][3]         1.0000000000 
_pdbx_struct_oper_list.vector[3]            0.0000000000 
# 
_struct_biol.id                    1 
_struct_biol.pdbx_parent_biol_id   ? 
_struct_biol.details               ? 
# 
loop_
_struct_conf.conf_type_id 
_struct_conf.id 
_struct_conf.pdbx_PDB_helix_id 
_struct_conf.beg_label_comp_id 
_struct_conf.beg_label_asym_id 
_struct_conf.beg_label_seq_id 
_struct_conf.pdbx_beg_PDB_ins_code 
_struct_conf.end_label_comp_id 
_struct_conf.end_label_asym_id 
_struct_conf.end_label_seq_id 
_struct_conf.pdbx_end_PDB_ins_code 
_struct_conf.beg_auth_comp_id 
_struct_conf.beg_auth_asym_id 
_struct_conf.beg_auth_seq_id 
_struct_conf.end_auth_comp_id 
_struct_conf.end_auth_asym_id 
_struct_conf.end_auth_seq_id 
_struct_conf.pdbx_PDB_helix_class 
_struct_conf.details 
_struct_conf.pdbx_PDB_helix_length 
HELX_P HELX_P1 1 GLY A 41 ? GLY A 47 ? GLY A 705 GLY A 711 1 ? 7  
HELX_P HELX_P2 2 PRO A 67 ? MET A 77 ? PRO A 731 MET A 741 1 ? 11 
# 
_struct_conf_type.id          HELX_P 
_struct_conf_type.criteria    ? 
_struct_conf_type.reference   ? 
# 
loop_
_struct_sheet.id 
_struct_sheet.type 
_struct_sheet.number_strands 
_struct_sheet.details 
A ? 4 ? 
B ? 2 ? 
# 
loop_
_struct_sheet_order.sheet_id 
_struct_sheet_order.range_id_1 
_struct_sheet_order.range_id_2 
_struct_sheet_order.offset 
_struct_sheet_order.sense 
A 1 2 ? anti-parallel 
A 2 3 ? anti-parallel 
A 3 4 ? anti-parallel 
B 1 2 ? anti-parallel 
# 
loop_
_struct_sheet_range.sheet_id 
_struct_sheet_range.id 
_struct_sheet_range.beg_label_comp_id 
_struct_sheet_range.beg_label_asym_id 
_struct_sheet_range.beg_label_seq_id 
_struct_sheet_range.pdbx_beg_PDB_ins_code 
_struct_sheet_range.end_label_comp_id 
_struct_sheet_range.end_label_asym_id 
_struct_sheet_range.end_label_seq_id 
_struct_sheet_range.pdbx_end_PDB_ins_code 
_struct_sheet_range.beg_auth_comp_id 
_struct_sheet_range.beg_auth_asym_id 
_struct_sheet_range.beg_auth_seq_id 
_struct_sheet_range.end_auth_comp_id 
_struct_sheet_range.end_auth_asym_id 
_struct_sheet_range.end_auth_seq_id 
A 1 ILE A 6  ? LYS A 12 ? ILE A 670 LYS A 676 
A 2 THR A 81 ? LYS A 87 ? THR A 745 LYS A 751 
A 3 ARG A 54 ? ILE A 58 ? ARG A 718 ILE A 722 
A 4 SER A 61 ? SER A 62 ? SER A 725 SER A 726 
B 1 ILE A 20 ? SER A 23 ? ILE A 684 SER A 687 
B 2 ILE A 33 ? LEU A 37 ? ILE A 697 LEU A 701 
# 
loop_
_pdbx_struct_sheet_hbond.sheet_id 
_pdbx_struct_sheet_hbond.range_id_1 
_pdbx_struct_sheet_hbond.range_id_2 
_pdbx_struct_sheet_hbond.range_1_label_atom_id 
_pdbx_struct_sheet_hbond.range_1_label_comp_id 
_pdbx_struct_sheet_hbond.range_1_label_asym_id 
_pdbx_struct_sheet_hbond.range_1_label_seq_id 
_pdbx_struct_sheet_hbond.range_1_PDB_ins_code 
_pdbx_struct_sheet_hbond.range_1_auth_atom_id 
_pdbx_struct_sheet_hbond.range_1_auth_comp_id 
_pdbx_struct_sheet_hbond.range_1_auth_asym_id 
_pdbx_struct_sheet_hbond.range_1_auth_seq_id 
_pdbx_struct_sheet_hbond.range_2_label_atom_id 
_pdbx_struct_sheet_hbond.range_2_label_comp_id 
_pdbx_struct_sheet_hbond.range_2_label_asym_id 
_pdbx_struct_sheet_hbond.range_2_label_seq_id 
_pdbx_struct_sheet_hbond.range_2_PDB_ins_code 
_pdbx_struct_sheet_hbond.range_2_auth_atom_id 
_pdbx_struct_sheet_hbond.range_2_auth_comp_id 
_pdbx_struct_sheet_hbond.range_2_auth_asym_id 
_pdbx_struct_sheet_hbond.range_2_auth_seq_id 
A 1 2 N TYR A 7  ? N TYR A 671 O ILE A 86 ? O ILE A 750 
A 2 3 O LYS A 87 ? O LYS A 751 N ARG A 54 ? N ARG A 718 
A 3 4 N ILE A 58 ? N ILE A 722 O SER A 61 ? O SER A 725 
B 1 2 N THR A 21 ? N THR A 685 O SER A 36 ? O SER A 700 
# 
_pdbx_validate_torsion.id              1 
_pdbx_validate_torsion.PDB_model_num   1 
_pdbx_validate_torsion.auth_comp_id    TYR 
_pdbx_validate_torsion.auth_asym_id    A 
_pdbx_validate_torsion.auth_seq_id     678 
_pdbx_validate_torsion.PDB_ins_code    ? 
_pdbx_validate_torsion.label_alt_id    ? 
_pdbx_validate_torsion.phi             39.64 
_pdbx_validate_torsion.psi             63.11 
# 
loop_
_pdbx_unobs_or_zero_occ_residues.id 
_pdbx_unobs_or_zero_occ_residues.PDB_model_num 
_pdbx_unobs_or_zero_occ_residues.polymer_flag 
_pdbx_unobs_or_zero_occ_residues.occupancy_flag 
_pdbx_unobs_or_zero_occ_residues.auth_asym_id 
_pdbx_unobs_or_zero_occ_residues.auth_comp_id 
_pdbx_unobs_or_zero_occ_residues.auth_seq_id 
_pdbx_unobs_or_zero_occ_residues.PDB_ins_code 
_pdbx_unobs_or_zero_occ_residues.label_asym_id 
_pdbx_unobs_or_zero_occ_residues.label_comp_id 
_pdbx_unobs_or_zero_occ_residues.label_seq_id 
1 1 Y 1 A SER 665 ? A SER 1 
2 1 Y 1 A SER 666 ? A SER 2 
# 
loop_
_chem_comp_atom.comp_id 
_chem_comp_atom.atom_id 
_chem_comp_atom.type_symbol 
_chem_comp_atom.pdbx_aromatic_flag 
_chem_comp_atom.pdbx_stereo_config 
_chem_comp_atom.pdbx_ordinal 
ALA N    N N N 1   
ALA CA   C N S 2   
ALA C    C N N 3   
ALA O    O N N 4   
ALA CB   C N N 5   
ALA OXT  O N N 6   
ALA H    H N N 7   
ALA H2   H N N 8   
ALA HA   H N N 9   
ALA HB1  H N N 10  
ALA HB2  H N N 11  
ALA HB3  H N N 12  
ALA HXT  H N N 13  
ARG N    N N N 14  
ARG CA   C N S 15  
ARG C    C N N 16  
ARG O    O N N 17  
ARG CB   C N N 18  
ARG CG   C N N 19  
ARG CD   C N N 20  
ARG NE   N N N 21  
ARG CZ   C N N 22  
ARG NH1  N N N 23  
ARG NH2  N N N 24  
ARG OXT  O N N 25  
ARG H    H N N 26  
ARG H2   H N N 27  
ARG HA   H N N 28  
ARG HB2  H N N 29  
ARG HB3  H N N 30  
ARG HG2  H N N 31  
ARG HG3  H N N 32  
ARG HD2  H N N 33  
ARG HD3  H N N 34  
ARG HE   H N N 35  
ARG HH11 H N N 36  
ARG HH12 H N N 37  
ARG HH21 H N N 38  
ARG HH22 H N N 39  
ARG HXT  H N N 40  
ASN N    N N N 41  
ASN CA   C N S 42  
ASN C    C N N 43  
ASN O    O N N 44  
ASN CB   C N N 45  
ASN CG   C N N 46  
ASN OD1  O N N 47  
ASN ND2  N N N 48  
ASN OXT  O N N 49  
ASN H    H N N 50  
ASN H2   H N N 51  
ASN HA   H N N 52  
ASN HB2  H N N 53  
ASN HB3  H N N 54  
ASN HD21 H N N 55  
ASN HD22 H N N 56  
ASN HXT  H N N 57  
ASP N    N N N 58  
ASP CA   C N S 59  
ASP C    C N N 60  
ASP O    O N N 61  
ASP CB   C N N 62  
ASP CG   C N N 63  
ASP OD1  O N N 64  
ASP OD2  O N N 65  
ASP OXT  O N N 66  
ASP H    H N N 67  
ASP H2   H N N 68  
ASP HA   H N N 69  
ASP HB2  H N N 70  
ASP HB3  H N N 71  
ASP HD2  H N N 72  
ASP HXT  H N N 73  
GLN N    N N N 74  
GLN CA   C N S 75  
GLN C    C N N 76  
GLN O    O N N 77  
GLN CB   C N N 78  
GLN CG   C N N 79  
GLN CD   C N N 80  
GLN OE1  O N N 81  
GLN NE2  N N N 82  
GLN OXT  O N N 83  
GLN H    H N N 84  
GLN H2   H N N 85  
GLN HA   H N N 86  
GLN HB2  H N N 87  
GLN HB3  H N N 88  
GLN HG2  H N N 89  
GLN HG3  H N N 90  
GLN HE21 H N N 91  
GLN HE22 H N N 92  
GLN HXT  H N N 93  
GLU N    N N N 94  
GLU CA   C N S 95  
GLU C    C N N 96  
GLU O    O N N 97  
GLU CB   C N N 98  
GLU CG   C N N 99  
GLU CD   C N N 100 
GLU OE1  O N N 101 
GLU OE2  O N N 102 
GLU OXT  O N N 103 
GLU H    H N N 104 
GLU H2   H N N 105 
GLU HA   H N N 106 
GLU HB2  H N N 107 
GLU HB3  H N N 108 
GLU HG2  H N N 109 
GLU HG3  H N N 110 
GLU HE2  H N N 111 
GLU HXT  H N N 112 
GLY N    N N N 113 
GLY CA   C N N 114 
GLY C    C N N 115 
GLY O    O N N 116 
GLY OXT  O N N 117 
GLY H    H N N 118 
GLY H2   H N N 119 
GLY HA2  H N N 120 
GLY HA3  H N N 121 
GLY HXT  H N N 122 
HIS N    N N N 123 
HIS CA   C N S 124 
HIS C    C N N 125 
HIS O    O N N 126 
HIS CB   C N N 127 
HIS CG   C Y N 128 
HIS ND1  N Y N 129 
HIS CD2  C Y N 130 
HIS CE1  C Y N 131 
HIS NE2  N Y N 132 
HIS OXT  O N N 133 
HIS H    H N N 134 
HIS H2   H N N 135 
HIS HA   H N N 136 
HIS HB2  H N N 137 
HIS HB3  H N N 138 
HIS HD1  H N N 139 
HIS HD2  H N N 140 
HIS HE1  H N N 141 
HIS HE2  H N N 142 
HIS HXT  H N N 143 
HOH O    O N N 144 
HOH H1   H N N 145 
HOH H2   H N N 146 
ILE N    N N N 147 
ILE CA   C N S 148 
ILE C    C N N 149 
ILE O    O N N 150 
ILE CB   C N S 151 
ILE CG1  C N N 152 
ILE CG2  C N N 153 
ILE CD1  C N N 154 
ILE OXT  O N N 155 
ILE H    H N N 156 
ILE H2   H N N 157 
ILE HA   H N N 158 
ILE HB   H N N 159 
ILE HG12 H N N 160 
ILE HG13 H N N 161 
ILE HG21 H N N 162 
ILE HG22 H N N 163 
ILE HG23 H N N 164 
ILE HD11 H N N 165 
ILE HD12 H N N 166 
ILE HD13 H N N 167 
ILE HXT  H N N 168 
LEU N    N N N 169 
LEU CA   C N S 170 
LEU C    C N N 171 
LEU O    O N N 172 
LEU CB   C N N 173 
LEU CG   C N N 174 
LEU CD1  C N N 175 
LEU CD2  C N N 176 
LEU OXT  O N N 177 
LEU H    H N N 178 
LEU H2   H N N 179 
LEU HA   H N N 180 
LEU HB2  H N N 181 
LEU HB3  H N N 182 
LEU HG   H N N 183 
LEU HD11 H N N 184 
LEU HD12 H N N 185 
LEU HD13 H N N 186 
LEU HD21 H N N 187 
LEU HD22 H N N 188 
LEU HD23 H N N 189 
LEU HXT  H N N 190 
LYS N    N N N 191 
LYS CA   C N S 192 
LYS C    C N N 193 
LYS O    O N N 194 
LYS CB   C N N 195 
LYS CG   C N N 196 
LYS CD   C N N 197 
LYS CE   C N N 198 
LYS NZ   N N N 199 
LYS OXT  O N N 200 
LYS H    H N N 201 
LYS H2   H N N 202 
LYS HA   H N N 203 
LYS HB2  H N N 204 
LYS HB3  H N N 205 
LYS HG2  H N N 206 
LYS HG3  H N N 207 
LYS HD2  H N N 208 
LYS HD3  H N N 209 
LYS HE2  H N N 210 
LYS HE3  H N N 211 
LYS HZ1  H N N 212 
LYS HZ2  H N N 213 
LYS HZ3  H N N 214 
LYS HXT  H N N 215 
MET N    N N N 216 
MET CA   C N S 217 
MET C    C N N 218 
MET O    O N N 219 
MET CB   C N N 220 
MET CG   C N N 221 
MET SD   S N N 222 
MET CE   C N N 223 
MET OXT  O N N 224 
MET H    H N N 225 
MET H2   H N N 226 
MET HA   H N N 227 
MET HB2  H N N 228 
MET HB3  H N N 229 
MET HG2  H N N 230 
MET HG3  H N N 231 
MET HE1  H N N 232 
MET HE2  H N N 233 
MET HE3  H N N 234 
MET HXT  H N N 235 
PHE N    N N N 236 
PHE CA   C N S 237 
PHE C    C N N 238 
PHE O    O N N 239 
PHE CB   C N N 240 
PHE CG   C Y N 241 
PHE CD1  C Y N 242 
PHE CD2  C Y N 243 
PHE CE1  C Y N 244 
PHE CE2  C Y N 245 
PHE CZ   C Y N 246 
PHE OXT  O N N 247 
PHE H    H N N 248 
PHE H2   H N N 249 
PHE HA   H N N 250 
PHE HB2  H N N 251 
PHE HB3  H N N 252 
PHE HD1  H N N 253 
PHE HD2  H N N 254 
PHE HE1  H N N 255 
PHE HE2  H N N 256 
PHE HZ   H N N 257 
PHE HXT  H N N 258 
PRO N    N N N 259 
PRO CA   C N S 260 
PRO C    C N N 261 
PRO O    O N N 262 
PRO CB   C N N 263 
PRO CG   C N N 264 
PRO CD   C N N 265 
PRO OXT  O N N 266 
PRO H    H N N 267 
PRO HA   H N N 268 
PRO HB2  H N N 269 
PRO HB3  H N N 270 
PRO HG2  H N N 271 
PRO HG3  H N N 272 
PRO HD2  H N N 273 
PRO HD3  H N N 274 
PRO HXT  H N N 275 
SER N    N N N 276 
SER CA   C N S 277 
SER C    C N N 278 
SER O    O N N 279 
SER CB   C N N 280 
SER OG   O N N 281 
SER OXT  O N N 282 
SER H    H N N 283 
SER H2   H N N 284 
SER HA   H N N 285 
SER HB2  H N N 286 
SER HB3  H N N 287 
SER HG   H N N 288 
SER HXT  H N N 289 
THR N    N N N 290 
THR CA   C N S 291 
THR C    C N N 292 
THR O    O N N 293 
THR CB   C N R 294 
THR OG1  O N N 295 
THR CG2  C N N 296 
THR OXT  O N N 297 
THR H    H N N 298 
THR H2   H N N 299 
THR HA   H N N 300 
THR HB   H N N 301 
THR HG1  H N N 302 
THR HG21 H N N 303 
THR HG22 H N N 304 
THR HG23 H N N 305 
THR HXT  H N N 306 
TYR N    N N N 307 
TYR CA   C N S 308 
TYR C    C N N 309 
TYR O    O N N 310 
TYR CB   C N N 311 
TYR CG   C Y N 312 
TYR CD1  C Y N 313 
TYR CD2  C Y N 314 
TYR CE1  C Y N 315 
TYR CE2  C Y N 316 
TYR CZ   C Y N 317 
TYR OH   O N N 318 
TYR OXT  O N N 319 
TYR H    H N N 320 
TYR H2   H N N 321 
TYR HA   H N N 322 
TYR HB2  H N N 323 
TYR HB3  H N N 324 
TYR HD1  H N N 325 
TYR HD2  H N N 326 
TYR HE1  H N N 327 
TYR HE2  H N N 328 
TYR HH   H N N 329 
TYR HXT  H N N 330 
VAL N    N N N 331 
VAL CA   C N S 332 
VAL C    C N N 333 
VAL O    O N N 334 
VAL CB   C N N 335 
VAL CG1  C N N 336 
VAL CG2  C N N 337 
VAL OXT  O N N 338 
VAL H    H N N 339 
VAL H2   H N N 340 
VAL HA   H N N 341 
VAL HB   H N N 342 
VAL HG11 H N N 343 
VAL HG12 H N N 344 
VAL HG13 H N N 345 
VAL HG21 H N N 346 
VAL HG22 H N N 347 
VAL HG23 H N N 348 
VAL HXT  H N N 349 
# 
loop_
_chem_comp_bond.comp_id 
_chem_comp_bond.atom_id_1 
_chem_comp_bond.atom_id_2 
_chem_comp_bond.value_order 
_chem_comp_bond.pdbx_aromatic_flag 
_chem_comp_bond.pdbx_stereo_config 
_chem_comp_bond.pdbx_ordinal 
ALA N   CA   sing N N 1   
ALA N   H    sing N N 2   
ALA N   H2   sing N N 3   
ALA CA  C    sing N N 4   
ALA CA  CB   sing N N 5   
ALA CA  HA   sing N N 6   
ALA C   O    doub N N 7   
ALA C   OXT  sing N N 8   
ALA CB  HB1  sing N N 9   
ALA CB  HB2  sing N N 10  
ALA CB  HB3  sing N N 11  
ALA OXT HXT  sing N N 12  
ARG N   CA   sing N N 13  
ARG N   H    sing N N 14  
ARG N   H2   sing N N 15  
ARG CA  C    sing N N 16  
ARG CA  CB   sing N N 17  
ARG CA  HA   sing N N 18  
ARG C   O    doub N N 19  
ARG C   OXT  sing N N 20  
ARG CB  CG   sing N N 21  
ARG CB  HB2  sing N N 22  
ARG CB  HB3  sing N N 23  
ARG CG  CD   sing N N 24  
ARG CG  HG2  sing N N 25  
ARG CG  HG3  sing N N 26  
ARG CD  NE   sing N N 27  
ARG CD  HD2  sing N N 28  
ARG CD  HD3  sing N N 29  
ARG NE  CZ   sing N N 30  
ARG NE  HE   sing N N 31  
ARG CZ  NH1  sing N N 32  
ARG CZ  NH2  doub N N 33  
ARG NH1 HH11 sing N N 34  
ARG NH1 HH12 sing N N 35  
ARG NH2 HH21 sing N N 36  
ARG NH2 HH22 sing N N 37  
ARG OXT HXT  sing N N 38  
ASN N   CA   sing N N 39  
ASN N   H    sing N N 40  
ASN N   H2   sing N N 41  
ASN CA  C    sing N N 42  
ASN CA  CB   sing N N 43  
ASN CA  HA   sing N N 44  
ASN C   O    doub N N 45  
ASN C   OXT  sing N N 46  
ASN CB  CG   sing N N 47  
ASN CB  HB2  sing N N 48  
ASN CB  HB3  sing N N 49  
ASN CG  OD1  doub N N 50  
ASN CG  ND2  sing N N 51  
ASN ND2 HD21 sing N N 52  
ASN ND2 HD22 sing N N 53  
ASN OXT HXT  sing N N 54  
ASP N   CA   sing N N 55  
ASP N   H    sing N N 56  
ASP N   H2   sing N N 57  
ASP CA  C    sing N N 58  
ASP CA  CB   sing N N 59  
ASP CA  HA   sing N N 60  
ASP C   O    doub N N 61  
ASP C   OXT  sing N N 62  
ASP CB  CG   sing N N 63  
ASP CB  HB2  sing N N 64  
ASP CB  HB3  sing N N 65  
ASP CG  OD1  doub N N 66  
ASP CG  OD2  sing N N 67  
ASP OD2 HD2  sing N N 68  
ASP OXT HXT  sing N N 69  
GLN N   CA   sing N N 70  
GLN N   H    sing N N 71  
GLN N   H2   sing N N 72  
GLN CA  C    sing N N 73  
GLN CA  CB   sing N N 74  
GLN CA  HA   sing N N 75  
GLN C   O    doub N N 76  
GLN C   OXT  sing N N 77  
GLN CB  CG   sing N N 78  
GLN CB  HB2  sing N N 79  
GLN CB  HB3  sing N N 80  
GLN CG  CD   sing N N 81  
GLN CG  HG2  sing N N 82  
GLN CG  HG3  sing N N 83  
GLN CD  OE1  doub N N 84  
GLN CD  NE2  sing N N 85  
GLN NE2 HE21 sing N N 86  
GLN NE2 HE22 sing N N 87  
GLN OXT HXT  sing N N 88  
GLU N   CA   sing N N 89  
GLU N   H    sing N N 90  
GLU N   H2   sing N N 91  
GLU CA  C    sing N N 92  
GLU CA  CB   sing N N 93  
GLU CA  HA   sing N N 94  
GLU C   O    doub N N 95  
GLU C   OXT  sing N N 96  
GLU CB  CG   sing N N 97  
GLU CB  HB2  sing N N 98  
GLU CB  HB3  sing N N 99  
GLU CG  CD   sing N N 100 
GLU CG  HG2  sing N N 101 
GLU CG  HG3  sing N N 102 
GLU CD  OE1  doub N N 103 
GLU CD  OE2  sing N N 104 
GLU OE2 HE2  sing N N 105 
GLU OXT HXT  sing N N 106 
GLY N   CA   sing N N 107 
GLY N   H    sing N N 108 
GLY N   H2   sing N N 109 
GLY CA  C    sing N N 110 
GLY CA  HA2  sing N N 111 
GLY CA  HA3  sing N N 112 
GLY C   O    doub N N 113 
GLY C   OXT  sing N N 114 
GLY OXT HXT  sing N N 115 
HIS N   CA   sing N N 116 
HIS N   H    sing N N 117 
HIS N   H2   sing N N 118 
HIS CA  C    sing N N 119 
HIS CA  CB   sing N N 120 
HIS CA  HA   sing N N 121 
HIS C   O    doub N N 122 
HIS C   OXT  sing N N 123 
HIS CB  CG   sing N N 124 
HIS CB  HB2  sing N N 125 
HIS CB  HB3  sing N N 126 
HIS CG  ND1  sing Y N 127 
HIS CG  CD2  doub Y N 128 
HIS ND1 CE1  doub Y N 129 
HIS ND1 HD1  sing N N 130 
HIS CD2 NE2  sing Y N 131 
HIS CD2 HD2  sing N N 132 
HIS CE1 NE2  sing Y N 133 
HIS CE1 HE1  sing N N 134 
HIS NE2 HE2  sing N N 135 
HIS OXT HXT  sing N N 136 
HOH O   H1   sing N N 137 
HOH O   H2   sing N N 138 
ILE N   CA   sing N N 139 
ILE N   H    sing N N 140 
ILE N   H2   sing N N 141 
ILE CA  C    sing N N 142 
ILE CA  CB   sing N N 143 
ILE CA  HA   sing N N 144 
ILE C   O    doub N N 145 
ILE C   OXT  sing N N 146 
ILE CB  CG1  sing N N 147 
ILE CB  CG2  sing N N 148 
ILE CB  HB   sing N N 149 
ILE CG1 CD1  sing N N 150 
ILE CG1 HG12 sing N N 151 
ILE CG1 HG13 sing N N 152 
ILE CG2 HG21 sing N N 153 
ILE CG2 HG22 sing N N 154 
ILE CG2 HG23 sing N N 155 
ILE CD1 HD11 sing N N 156 
ILE CD1 HD12 sing N N 157 
ILE CD1 HD13 sing N N 158 
ILE OXT HXT  sing N N 159 
LEU N   CA   sing N N 160 
LEU N   H    sing N N 161 
LEU N   H2   sing N N 162 
LEU CA  C    sing N N 163 
LEU CA  CB   sing N N 164 
LEU CA  HA   sing N N 165 
LEU C   O    doub N N 166 
LEU C   OXT  sing N N 167 
LEU CB  CG   sing N N 168 
LEU CB  HB2  sing N N 169 
LEU CB  HB3  sing N N 170 
LEU CG  CD1  sing N N 171 
LEU CG  CD2  sing N N 172 
LEU CG  HG   sing N N 173 
LEU CD1 HD11 sing N N 174 
LEU CD1 HD12 sing N N 175 
LEU CD1 HD13 sing N N 176 
LEU CD2 HD21 sing N N 177 
LEU CD2 HD22 sing N N 178 
LEU CD2 HD23 sing N N 179 
LEU OXT HXT  sing N N 180 
LYS N   CA   sing N N 181 
LYS N   H    sing N N 182 
LYS N   H2   sing N N 183 
LYS CA  C    sing N N 184 
LYS CA  CB   sing N N 185 
LYS CA  HA   sing N N 186 
LYS C   O    doub N N 187 
LYS C   OXT  sing N N 188 
LYS CB  CG   sing N N 189 
LYS CB  HB2  sing N N 190 
LYS CB  HB3  sing N N 191 
LYS CG  CD   sing N N 192 
LYS CG  HG2  sing N N 193 
LYS CG  HG3  sing N N 194 
LYS CD  CE   sing N N 195 
LYS CD  HD2  sing N N 196 
LYS CD  HD3  sing N N 197 
LYS CE  NZ   sing N N 198 
LYS CE  HE2  sing N N 199 
LYS CE  HE3  sing N N 200 
LYS NZ  HZ1  sing N N 201 
LYS NZ  HZ2  sing N N 202 
LYS NZ  HZ3  sing N N 203 
LYS OXT HXT  sing N N 204 
MET N   CA   sing N N 205 
MET N   H    sing N N 206 
MET N   H2   sing N N 207 
MET CA  C    sing N N 208 
MET CA  CB   sing N N 209 
MET CA  HA   sing N N 210 
MET C   O    doub N N 211 
MET C   OXT  sing N N 212 
MET CB  CG   sing N N 213 
MET CB  HB2  sing N N 214 
MET CB  HB3  sing N N 215 
MET CG  SD   sing N N 216 
MET CG  HG2  sing N N 217 
MET CG  HG3  sing N N 218 
MET SD  CE   sing N N 219 
MET CE  HE1  sing N N 220 
MET CE  HE2  sing N N 221 
MET CE  HE3  sing N N 222 
MET OXT HXT  sing N N 223 
PHE N   CA   sing N N 224 
PHE N   H    sing N N 225 
PHE N   H2   sing N N 226 
PHE CA  C    sing N N 227 
PHE CA  CB   sing N N 228 
PHE CA  HA   sing N N 229 
PHE C   O    doub N N 230 
PHE C   OXT  sing N N 231 
PHE CB  CG   sing N N 232 
PHE CB  HB2  sing N N 233 
PHE CB  HB3  sing N N 234 
PHE CG  CD1  doub Y N 235 
PHE CG  CD2  sing Y N 236 
PHE CD1 CE1  sing Y N 237 
PHE CD1 HD1  sing N N 238 
PHE CD2 CE2  doub Y N 239 
PHE CD2 HD2  sing N N 240 
PHE CE1 CZ   doub Y N 241 
PHE CE1 HE1  sing N N 242 
PHE CE2 CZ   sing Y N 243 
PHE CE2 HE2  sing N N 244 
PHE CZ  HZ   sing N N 245 
PHE OXT HXT  sing N N 246 
PRO N   CA   sing N N 247 
PRO N   CD   sing N N 248 
PRO N   H    sing N N 249 
PRO CA  C    sing N N 250 
PRO CA  CB   sing N N 251 
PRO CA  HA   sing N N 252 
PRO C   O    doub N N 253 
PRO C   OXT  sing N N 254 
PRO CB  CG   sing N N 255 
PRO CB  HB2  sing N N 256 
PRO CB  HB3  sing N N 257 
PRO CG  CD   sing N N 258 
PRO CG  HG2  sing N N 259 
PRO CG  HG3  sing N N 260 
PRO CD  HD2  sing N N 261 
PRO CD  HD3  sing N N 262 
PRO OXT HXT  sing N N 263 
SER N   CA   sing N N 264 
SER N   H    sing N N 265 
SER N   H2   sing N N 266 
SER CA  C    sing N N 267 
SER CA  CB   sing N N 268 
SER CA  HA   sing N N 269 
SER C   O    doub N N 270 
SER C   OXT  sing N N 271 
SER CB  OG   sing N N 272 
SER CB  HB2  sing N N 273 
SER CB  HB3  sing N N 274 
SER OG  HG   sing N N 275 
SER OXT HXT  sing N N 276 
THR N   CA   sing N N 277 
THR N   H    sing N N 278 
THR N   H2   sing N N 279 
THR CA  C    sing N N 280 
THR CA  CB   sing N N 281 
THR CA  HA   sing N N 282 
THR C   O    doub N N 283 
THR C   OXT  sing N N 284 
THR CB  OG1  sing N N 285 
THR CB  CG2  sing N N 286 
THR CB  HB   sing N N 287 
THR OG1 HG1  sing N N 288 
THR CG2 HG21 sing N N 289 
THR CG2 HG22 sing N N 290 
THR CG2 HG23 sing N N 291 
THR OXT HXT  sing N N 292 
TYR N   CA   sing N N 293 
TYR N   H    sing N N 294 
TYR N   H2   sing N N 295 
TYR CA  C    sing N N 296 
TYR CA  CB   sing N N 297 
TYR CA  HA   sing N N 298 
TYR C   O    doub N N 299 
TYR C   OXT  sing N N 300 
TYR CB  CG   sing N N 301 
TYR CB  HB2  sing N N 302 
TYR CB  HB3  sing N N 303 
TYR CG  CD1  doub Y N 304 
TYR CG  CD2  sing Y N 305 
TYR CD1 CE1  sing Y N 306 
TYR CD1 HD1  sing N N 307 
TYR CD2 CE2  doub Y N 308 
TYR CD2 HD2  sing N N 309 
TYR CE1 CZ   doub Y N 310 
TYR CE1 HE1  sing N N 311 
TYR CE2 CZ   sing Y N 312 
TYR CE2 HE2  sing N N 313 
TYR CZ  OH   sing N N 314 
TYR OH  HH   sing N N 315 
TYR OXT HXT  sing N N 316 
VAL N   CA   sing N N 317 
VAL N   H    sing N N 318 
VAL N   H2   sing N N 319 
VAL CA  C    sing N N 320 
VAL CA  CB   sing N N 321 
VAL CA  HA   sing N N 322 
VAL C   O    doub N N 323 
VAL C   OXT  sing N N 324 
VAL CB  CG1  sing N N 325 
VAL CB  CG2  sing N N 326 
VAL CB  HB   sing N N 327 
VAL CG1 HG11 sing N N 328 
VAL CG1 HG12 sing N N 329 
VAL CG1 HG13 sing N N 330 
VAL CG2 HG21 sing N N 331 
VAL CG2 HG22 sing N N 332 
VAL CG2 HG23 sing N N 333 
VAL OXT HXT  sing N N 334 
# 
_atom_sites.entry_id                    1N7E 
_atom_sites.fract_transf_matrix[1][1]   -0.00826698 
_atom_sites.fract_transf_matrix[1][2]   0.01568129 
_atom_sites.fract_transf_matrix[1][3]   0.02254018 
_atom_sites.fract_transf_matrix[2][1]   -0.00193681 
_atom_sites.fract_transf_matrix[2][2]   -0.01208037 
_atom_sites.fract_transf_matrix[2][3]   0.02593504 
_atom_sites.fract_transf_matrix[3][1]   0.00427812 
_atom_sites.fract_transf_matrix[3][2]   0.00107584 
_atom_sites.fract_transf_matrix[3][3]   0.00082061 
_atom_sites.fract_transf_vector[1]      0.430361 
_atom_sites.fract_transf_vector[2]      0.743867 
_atom_sites.fract_transf_vector[3]      0.301833 
# 
loop_
_atom_type.symbol 
C 
N 
O 
S 
# 
loop_
_atom_site.group_PDB 
_atom_site.id 
_atom_site.type_symbol 
_atom_site.label_atom_id 
_atom_site.label_alt_id 
_atom_site.label_comp_id 
_atom_site.label_asym_id 
_atom_site.label_entity_id 
_atom_site.label_seq_id 
_atom_site.pdbx_PDB_ins_code 
_atom_site.Cartn_x 
_atom_site.Cartn_y 
_atom_site.Cartn_z 
_atom_site.occupancy 
_atom_site.B_iso_or_equiv 
_atom_site.pdbx_formal_charge 
_atom_site.auth_seq_id 
_atom_site.auth_comp_id 
_atom_site.auth_asym_id 
_atom_site.auth_atom_id 
_atom_site.pdbx_PDB_model_num 
ATOM   1   N N   . GLY A 1 3  ? -16.178 12.548  0.792   1.00 38.75 ? 667 GLY A N   1 
ATOM   2   C CA  . GLY A 1 3  ? -15.542 11.942  2.006   1.00 37.03 ? 667 GLY A CA  1 
ATOM   3   C C   . GLY A 1 3  ? -14.391 11.021  1.642   1.00 36.03 ? 667 GLY A C   1 
ATOM   4   O O   . GLY A 1 3  ? -14.246 10.637  0.480   1.00 37.12 ? 667 GLY A O   1 
ATOM   5   N N   . ALA A 1 4  ? -13.568 10.675  2.629   1.00 34.50 ? 668 ALA A N   1 
ATOM   6   C CA  . ALA A 1 4  ? -12.427 9.796   2.403   1.00 31.77 ? 668 ALA A CA  1 
ATOM   7   C C   . ALA A 1 4  ? -12.913 8.386   2.154   1.00 29.46 ? 668 ALA A C   1 
ATOM   8   O O   . ALA A 1 4  ? -13.811 7.904   2.846   1.00 29.42 ? 668 ALA A O   1 
ATOM   9   C CB  . ALA A 1 4  ? -11.517 9.806   3.604   1.00 33.91 ? 668 ALA A CB  1 
ATOM   10  N N   . ILE A 1 5  ? -12.323 7.724   1.166   1.00 25.54 ? 669 ILE A N   1 
ATOM   11  C CA  . ILE A 1 5  ? -12.707 6.355   0.854   1.00 23.05 ? 669 ILE A CA  1 
ATOM   12  C C   . ILE A 1 5  ? -11.631 5.402   1.360   1.00 19.76 ? 669 ILE A C   1 
ATOM   13  O O   . ILE A 1 5  ? -10.505 5.401   0.864   1.00 18.24 ? 669 ILE A O   1 
ATOM   14  C CB  . ILE A 1 5  ? -12.898 6.140   -0.673  1.00 24.93 ? 669 ILE A CB  1 
ATOM   15  C CG1 . ILE A 1 5  ? -13.994 7.067   -1.208  1.00 28.04 ? 669 ILE A CG1 1 
ATOM   16  C CG2 . ILE A 1 5  ? -13.284 4.687   -0.953  1.00 27.08 ? 669 ILE A CG2 1 
ATOM   17  C CD1 . ILE A 1 5  ? -15.356 6.811   -0.610  1.00 29.26 ? 669 ILE A CD1 1 
ATOM   18  N N   . ILE A 1 6  ? -11.988 4.607   2.362   1.00 18.30 ? 670 ILE A N   1 
ATOM   19  C CA  . ILE A 1 6  ? -11.072 3.638   2.939   1.00 18.06 ? 670 ILE A CA  1 
ATOM   20  C C   . ILE A 1 6  ? -11.705 2.262   2.814   1.00 17.24 ? 670 ILE A C   1 
ATOM   21  O O   . ILE A 1 6  ? -12.846 2.068   3.228   1.00 18.23 ? 670 ILE A O   1 
ATOM   22  C CB  . ILE A 1 6  ? -10.825 3.923   4.430   1.00 17.85 ? 670 ILE A CB  1 
ATOM   23  C CG1 . ILE A 1 6  ? -10.293 5.349   4.606   1.00 21.67 ? 670 ILE A CG1 1 
ATOM   24  C CG2 . ILE A 1 6  ? -9.836  2.921   4.992   1.00 19.05 ? 670 ILE A CG2 1 
ATOM   25  C CD1 . ILE A 1 6  ? -10.028 5.736   6.048   1.00 22.18 ? 670 ILE A CD1 1 
ATOM   26  N N   . TYR A 1 7  ? -10.980 1.316   2.223   1.00 15.91 ? 671 TYR A N   1 
ATOM   27  C CA  . TYR A 1 7  ? -11.481 -0.049  2.066   1.00 15.33 ? 671 TYR A CA  1 
ATOM   28  C C   . TYR A 1 7  ? -10.328 -1.009  2.336   1.00 15.30 ? 671 TYR A C   1 
ATOM   29  O O   . TYR A 1 7  ? -9.167  -0.598  2.391   1.00 15.37 ? 671 TYR A O   1 
ATOM   30  C CB  . TYR A 1 7  ? -12.060 -0.271  0.652   1.00 15.76 ? 671 TYR A CB  1 
ATOM   31  C CG  . TYR A 1 7  ? -11.038 -0.297  -0.462  1.00 15.99 ? 671 TYR A CG  1 
ATOM   32  C CD1 . TYR A 1 7  ? -10.664 -1.497  -1.061  1.00 17.29 ? 671 TYR A CD1 1 
ATOM   33  C CD2 . TYR A 1 7  ? -10.439 0.878   -0.915  1.00 17.54 ? 671 TYR A CD2 1 
ATOM   34  C CE1 . TYR A 1 7  ? -9.715  -1.526  -2.086  1.00 17.93 ? 671 TYR A CE1 1 
ATOM   35  C CE2 . TYR A 1 7  ? -9.487  0.861   -1.932  1.00 15.96 ? 671 TYR A CE2 1 
ATOM   36  C CZ  . TYR A 1 7  ? -9.133  -0.344  -2.520  1.00 16.81 ? 671 TYR A CZ  1 
ATOM   37  O OH  . TYR A 1 7  ? -8.215  -0.370  -3.548  1.00 17.83 ? 671 TYR A OH  1 
ATOM   38  N N   . THR A 1 8  ? -10.641 -2.284  2.521   1.00 15.08 ? 672 THR A N   1 
ATOM   39  C CA  . THR A 1 8  ? -9.598  -3.253  2.797   1.00 15.98 ? 672 THR A CA  1 
ATOM   40  C C   . THR A 1 8  ? -9.623  -4.400  1.797   1.00 15.78 ? 672 THR A C   1 
ATOM   41  O O   . THR A 1 8  ? -10.692 -4.851  1.382   1.00 16.79 ? 672 THR A O   1 
ATOM   42  C CB  . THR A 1 8  ? -9.743  -3.816  4.227   1.00 17.69 ? 672 THR A CB  1 
ATOM   43  O OG1 . THR A 1 8  ? -9.742  -2.732  5.168   1.00 20.11 ? 672 THR A OG1 1 
ATOM   44  C CG2 . THR A 1 8  ? -8.598  -4.748  4.551   1.00 19.51 ? 672 THR A CG2 1 
ATOM   45  N N   . VAL A 1 9  ? -8.442  -4.858  1.394   1.00 15.97 ? 673 VAL A N   1 
ATOM   46  C CA  . VAL A 1 9  ? -8.352  -5.969  0.463   1.00 16.54 ? 673 VAL A CA  1 
ATOM   47  C C   . VAL A 1 9  ? -7.426  -7.041  1.015   1.00 17.98 ? 673 VAL A C   1 
ATOM   48  O O   . VAL A 1 9  ? -6.380  -6.743  1.591   1.00 17.93 ? 673 VAL A O   1 
ATOM   49  C CB  . VAL A 1 9  ? -7.828  -5.530  -0.915  1.00 18.58 ? 673 VAL A CB  1 
ATOM   50  C CG1 . VAL A 1 9  ? -8.775  -4.534  -1.529  1.00 21.53 ? 673 VAL A CG1 1 
ATOM   51  C CG2 . VAL A 1 9  ? -6.467  -4.924  -0.782  1.00 20.31 ? 673 VAL A CG2 1 
ATOM   52  N N   . GLU A 1 10 ? -7.835  -8.293  0.854   1.00 14.57 ? 674 GLU A N   1 
ATOM   53  C CA  . GLU A 1 10 ? -7.049  -9.428  1.307   1.00 17.37 ? 674 GLU A CA  1 
ATOM   54  C C   . GLU A 1 10 ? -6.635  -10.191 0.065   1.00 16.55 ? 674 GLU A C   1 
ATOM   55  O O   . GLU A 1 10 ? -7.481  -10.617 -0.719  1.00 16.76 ? 674 GLU A O   1 
ATOM   56  C CB  . GLU A 1 10 ? -7.881  -10.321 2.225   1.00 18.09 ? 674 GLU A CB  1 
ATOM   57  C CG  . GLU A 1 10 ? -7.201  -11.632 2.592   1.00 23.67 ? 674 GLU A CG  1 
ATOM   58  C CD  . GLU A 1 10 ? -8.069  -12.506 3.479   1.00 27.77 ? 674 GLU A CD  1 
ATOM   59  O OE1 . GLU A 1 10 ? -8.171  -12.214 4.688   1.00 31.51 ? 674 GLU A OE1 1 
ATOM   60  O OE2 . GLU A 1 10 ? -8.659  -13.480 2.963   1.00 30.44 ? 674 GLU A OE2 1 
ATOM   61  N N   . LEU A 1 11 ? -5.329  -10.346 -0.119  1.00 18.35 ? 675 LEU A N   1 
ATOM   62  C CA  . LEU A 1 11 ? -4.793  -11.045 -1.281  1.00 18.56 ? 675 LEU A CA  1 
ATOM   63  C C   . LEU A 1 11 ? -4.034  -12.292 -0.840  1.00 19.40 ? 675 LEU A C   1 
ATOM   64  O O   . LEU A 1 11 ? -3.366  -12.283 0.192   1.00 20.03 ? 675 LEU A O   1 
ATOM   65  C CB  . LEU A 1 11 ? -3.846  -10.123 -2.052  1.00 21.01 ? 675 LEU A CB  1 
ATOM   66  C CG  . LEU A 1 11 ? -4.395  -8.816  -2.623  1.00 21.19 ? 675 LEU A CG  1 
ATOM   67  C CD1 . LEU A 1 11 ? -3.226  -7.945  -3.062  1.00 23.73 ? 675 LEU A CD1 1 
ATOM   68  C CD2 . LEU A 1 11 ? -5.320  -9.095  -3.778  1.00 23.72 ? 675 LEU A CD2 1 
ATOM   69  N N   . LYS A 1 12 ? -4.143  -13.361 -1.622  1.00 20.21 ? 676 LYS A N   1 
ATOM   70  C CA  . LYS A 1 12 ? -3.452  -14.605 -1.310  1.00 21.53 ? 676 LYS A CA  1 
ATOM   71  C C   . LYS A 1 12 ? -2.332  -14.723 -2.334  1.00 21.57 ? 676 LYS A C   1 
ATOM   72  O O   . LYS A 1 12 ? -2.591  -15.004 -3.502  1.00 20.75 ? 676 LYS A O   1 
ATOM   73  C CB  . LYS A 1 12 ? -4.414  -15.790 -1.425  1.00 23.23 ? 676 LYS A CB  1 
ATOM   74  C CG  . LYS A 1 12 ? -3.898  -17.048 -0.769  1.00 28.02 ? 676 LYS A CG  1 
ATOM   75  C CD  . LYS A 1 12 ? -4.958  -18.126 -0.696  1.00 31.00 ? 676 LYS A CD  1 
ATOM   76  C CE  . LYS A 1 12 ? -4.428  -19.370 0.023   1.00 32.48 ? 676 LYS A CE  1 
ATOM   77  N NZ  . LYS A 1 12 ? -5.457  -20.467 0.081   1.00 34.99 ? 676 LYS A NZ  1 
ATOM   78  N N   . ARG A 1 13 ? -1.092  -14.501 -1.897  1.00 24.29 ? 677 ARG A N   1 
ATOM   79  C CA  . ARG A 1 13 ? 0.063   -14.536 -2.796  1.00 25.98 ? 677 ARG A CA  1 
ATOM   80  C C   . ARG A 1 13 ? 0.702   -15.901 -3.107  1.00 27.59 ? 677 ARG A C   1 
ATOM   81  O O   . ARG A 1 13 ? 1.574   -15.990 -3.973  1.00 27.03 ? 677 ARG A O   1 
ATOM   82  C CB  . ARG A 1 13 ? 1.134   -13.551 -2.293  1.00 27.82 ? 677 ARG A CB  1 
ATOM   83  C CG  . ARG A 1 13 ? 1.536   -13.725 -0.832  1.00 29.11 ? 677 ARG A CG  1 
ATOM   84  C CD  . ARG A 1 13 ? 2.484   -12.617 -0.368  1.00 30.49 ? 677 ARG A CD  1 
ATOM   85  N NE  . ARG A 1 13 ? 2.921   -12.817 1.013   1.00 32.28 ? 677 ARG A NE  1 
ATOM   86  C CZ  . ARG A 1 13 ? 3.599   -11.921 1.731   1.00 33.62 ? 677 ARG A CZ  1 
ATOM   87  N NH1 . ARG A 1 13 ? 3.926   -10.742 1.209   1.00 34.13 ? 677 ARG A NH1 1 
ATOM   88  N NH2 . ARG A 1 13 ? 3.952   -12.202 2.980   1.00 34.73 ? 677 ARG A NH2 1 
ATOM   89  N N   . TYR A 1 14 ? 0.268   -16.960 -2.424  1.00 30.16 ? 678 TYR A N   1 
ATOM   90  C CA  . TYR A 1 14 ? 0.804   -18.310 -2.662  1.00 31.69 ? 678 TYR A CA  1 
ATOM   91  C C   . TYR A 1 14 ? 2.311   -18.388 -2.906  1.00 31.67 ? 678 TYR A C   1 
ATOM   92  O O   . TYR A 1 14 ? 2.751   -18.799 -3.988  1.00 34.06 ? 678 TYR A O   1 
ATOM   93  C CB  . TYR A 1 14 ? 0.118   -18.971 -3.862  1.00 32.94 ? 678 TYR A CB  1 
ATOM   94  C CG  . TYR A 1 14 ? -1.335  -19.308 -3.659  1.00 35.08 ? 678 TYR A CG  1 
ATOM   95  C CD1 . TYR A 1 14 ? -2.327  -18.364 -3.905  1.00 35.05 ? 678 TYR A CD1 1 
ATOM   96  C CD2 . TYR A 1 14 ? -1.719  -20.573 -3.203  1.00 36.17 ? 678 TYR A CD2 1 
ATOM   97  C CE1 . TYR A 1 14 ? -3.664  -18.666 -3.707  1.00 37.13 ? 678 TYR A CE1 1 
ATOM   98  C CE2 . TYR A 1 14 ? -3.055  -20.886 -2.997  1.00 36.46 ? 678 TYR A CE2 1 
ATOM   99  C CZ  . TYR A 1 14 ? -4.024  -19.928 -3.252  1.00 36.79 ? 678 TYR A CZ  1 
ATOM   100 O OH  . TYR A 1 14 ? -5.353  -20.228 -3.053  1.00 37.47 ? 678 TYR A OH  1 
ATOM   101 N N   . GLY A 1 15 ? 3.106   -18.008 -1.918  1.00 29.71 ? 679 GLY A N   1 
ATOM   102 C CA  . GLY A 1 15 ? 4.543   -18.083 -2.100  1.00 27.49 ? 679 GLY A CA  1 
ATOM   103 C C   . GLY A 1 15 ? 5.087   -17.109 -3.124  1.00 26.91 ? 679 GLY A C   1 
ATOM   104 O O   . GLY A 1 15 ? 6.299   -17.034 -3.330  1.00 27.22 ? 679 GLY A O   1 
ATOM   105 N N   . GLY A 1 16 ? 4.196   -16.372 -3.776  1.00 25.48 ? 680 GLY A N   1 
ATOM   106 C CA  . GLY A 1 16 ? 4.624   -15.396 -4.763  1.00 25.66 ? 680 GLY A CA  1 
ATOM   107 C C   . GLY A 1 16 ? 4.527   -13.974 -4.227  1.00 24.21 ? 680 GLY A C   1 
ATOM   108 O O   . GLY A 1 16 ? 4.090   -13.755 -3.091  1.00 22.08 ? 680 GLY A O   1 
ATOM   109 N N   . PRO A 1 17 ? 4.948   -12.979 -5.016  1.00 23.12 ? 681 PRO A N   1 
ATOM   110 C CA  . PRO A 1 17 ? 4.874   -11.592 -4.551  1.00 21.63 ? 681 PRO A CA  1 
ATOM   111 C C   . PRO A 1 17 ? 3.487   -11.000 -4.777  1.00 19.24 ? 681 PRO A C   1 
ATOM   112 O O   . PRO A 1 17 ? 2.662   -11.585 -5.474  1.00 19.18 ? 681 PRO A O   1 
ATOM   113 C CB  . PRO A 1 17 ? 5.945   -10.901 -5.386  1.00 22.89 ? 681 PRO A CB  1 
ATOM   114 C CG  . PRO A 1 17 ? 5.848   -11.627 -6.688  1.00 25.35 ? 681 PRO A CG  1 
ATOM   115 C CD  . PRO A 1 17 ? 5.725   -13.076 -6.265  1.00 24.97 ? 681 PRO A CD  1 
ATOM   116 N N   . LEU A 1 18 ? 3.231   -9.848  -4.170  1.00 18.49 ? 682 LEU A N   1 
ATOM   117 C CA  . LEU A 1 18 ? 1.948   -9.172  -4.343  1.00 17.99 ? 682 LEU A CA  1 
ATOM   118 C C   . LEU A 1 18 ? 1.929   -8.428  -5.681  1.00 18.57 ? 682 LEU A C   1 
ATOM   119 O O   . LEU A 1 18 ? 0.875   -8.229  -6.285  1.00 17.97 ? 682 LEU A O   1 
ATOM   120 C CB  . LEU A 1 18 ? 1.714   -8.176  -3.204  1.00 19.35 ? 682 LEU A CB  1 
ATOM   121 C CG  . LEU A 1 18 ? 1.484   -8.768  -1.810  1.00 21.75 ? 682 LEU A CG  1 
ATOM   122 C CD1 . LEU A 1 18 ? 1.446   -7.661  -0.795  1.00 23.67 ? 682 LEU A CD1 1 
ATOM   123 C CD2 . LEU A 1 18 ? 0.191   -9.548  -1.778  1.00 23.17 ? 682 LEU A CD2 1 
ATOM   124 N N   . GLY A 1 19 ? 3.113   -8.028  -6.138  1.00 16.86 ? 683 GLY A N   1 
ATOM   125 C CA  . GLY A 1 19 ? 3.218   -7.298  -7.387  1.00 16.66 ? 683 GLY A CA  1 
ATOM   126 C C   . GLY A 1 19 ? 2.917   -5.830  -7.147  1.00 16.54 ? 683 GLY A C   1 
ATOM   127 O O   . GLY A 1 19 ? 2.333   -5.158  -7.995  1.00 16.09 ? 683 GLY A O   1 
ATOM   128 N N   . ILE A 1 20 ? 3.328   -5.337  -5.983  1.00 17.10 ? 684 ILE A N   1 
ATOM   129 C CA  . ILE A 1 20 ? 3.096   -3.944  -5.596  1.00 18.03 ? 684 ILE A CA  1 
ATOM   130 C C   . ILE A 1 20 ? 4.400   -3.254  -5.216  1.00 18.94 ? 684 ILE A C   1 
ATOM   131 O O   . ILE A 1 20 ? 5.198   -3.813  -4.470  1.00 18.95 ? 684 ILE A O   1 
ATOM   132 C CB  . ILE A 1 20 ? 2.161   -3.853  -4.362  1.00 21.19 ? 684 ILE A CB  1 
ATOM   133 C CG1 . ILE A 1 20 ? 0.823   -4.519  -4.669  1.00 21.34 ? 684 ILE A CG1 1 
ATOM   134 C CG2 . ILE A 1 20 ? 1.959   -2.401  -3.957  1.00 21.96 ? 684 ILE A CG2 1 
ATOM   135 C CD1 . ILE A 1 20 ? -0.097  -4.610  -3.469  1.00 22.98 ? 684 ILE A CD1 1 
ATOM   136 N N   . THR A 1 21 ? 4.620   -2.048  -5.725  1.00 17.64 ? 685 THR A N   1 
ATOM   137 C CA  . THR A 1 21 ? 5.816   -1.308  -5.363  1.00 18.93 ? 685 THR A CA  1 
ATOM   138 C C   . THR A 1 21 ? 5.340   -0.099  -4.562  1.00 18.21 ? 685 THR A C   1 
ATOM   139 O O   . THR A 1 21 ? 4.466   0.631   -5.025  1.00 19.48 ? 685 THR A O   1 
ATOM   140 C CB  . THR A 1 21 ? 6.592   -0.839  -6.601  1.00 18.04 ? 685 THR A CB  1 
ATOM   141 O OG1 . THR A 1 21 ? 7.021   -1.979  -7.356  1.00 20.25 ? 685 THR A OG1 1 
ATOM   142 C CG2 . THR A 1 21 ? 7.810   -0.033  -6.181  1.00 18.31 ? 685 THR A CG2 1 
ATOM   143 N N   . ILE A 1 22 ? 5.887   0.090   -3.360  1.00 17.69 ? 686 ILE A N   1 
ATOM   144 C CA  . ILE A 1 22 ? 5.491   1.209   -2.512  1.00 17.56 ? 686 ILE A CA  1 
ATOM   145 C C   . ILE A 1 22 ? 6.594   2.249   -2.337  1.00 19.13 ? 686 ILE A C   1 
ATOM   146 O O   . ILE A 1 22 ? 7.783   1.942   -2.442  1.00 19.22 ? 686 ILE A O   1 
ATOM   147 C CB  . ILE A 1 22 ? 5.048   0.741   -1.097  1.00 17.48 ? 686 ILE A CB  1 
ATOM   148 C CG1 . ILE A 1 22 ? 6.205   0.031   -0.385  1.00 17.25 ? 686 ILE A CG1 1 
ATOM   149 C CG2 . ILE A 1 22 ? 3.823   -0.169  -1.205  1.00 17.49 ? 686 ILE A CG2 1 
ATOM   150 C CD1 . ILE A 1 22 ? 5.922   -0.311  1.069   1.00 17.77 ? 686 ILE A CD1 1 
ATOM   151 N N   . SER A 1 23 ? 6.179   3.484   -2.067  1.00 19.71 ? 687 SER A N   1 
ATOM   152 C CA  . SER A 1 23 ? 7.107   4.588   -1.865  1.00 19.44 ? 687 SER A CA  1 
ATOM   153 C C   . SER A 1 23 ? 6.847   5.286   -0.543  1.00 19.64 ? 687 SER A C   1 
ATOM   154 O O   . SER A 1 23 ? 5.741   5.227   -0.005  1.00 18.03 ? 687 SER A O   1 
ATOM   155 C CB  . SER A 1 23 ? 6.975   5.597   -2.991  1.00 22.44 ? 687 SER A CB  1 
ATOM   156 O OG  . SER A 1 23 ? 7.494   5.051   -4.183  1.00 28.12 ? 687 SER A OG  1 
ATOM   157 N N   . GLY A 1 24 ? 7.876   5.959   -0.037  1.00 17.01 ? 688 GLY A N   1 
ATOM   158 C CA  . GLY A 1 24 ? 7.760   6.669   1.221   1.00 18.69 ? 688 GLY A CA  1 
ATOM   159 C C   . GLY A 1 24 ? 9.138   7.082   1.704   1.00 18.37 ? 688 GLY A C   1 
ATOM   160 O O   . GLY A 1 24 ? 10.102  7.055   0.940   1.00 18.11 ? 688 GLY A O   1 
ATOM   161 N N   . THR A 1 25 ? 9.233   7.464   2.973   1.00 19.70 ? 689 THR A N   1 
ATOM   162 C CA  . THR A 1 25 ? 10.500  7.881   3.572   1.00 21.81 ? 689 THR A CA  1 
ATOM   163 C C   . THR A 1 25 ? 10.546  7.357   5.002   1.00 23.30 ? 689 THR A C   1 
ATOM   164 O O   . THR A 1 25 ? 9.656   6.603   5.424   1.00 22.28 ? 689 THR A O   1 
ATOM   165 C CB  . THR A 1 25 ? 10.620  9.427   3.635   1.00 20.39 ? 689 THR A CB  1 
ATOM   166 O OG1 . THR A 1 25 ? 9.697   9.943   4.605   1.00 22.51 ? 689 THR A OG1 1 
ATOM   167 C CG2 . THR A 1 25 ? 10.318  10.042  2.282   1.00 23.45 ? 689 THR A CG2 1 
ATOM   168 N N   . GLU A 1 26 ? 11.568  7.770   5.754   1.00 24.31 ? 690 GLU A N   1 
ATOM   169 C CA  . GLU A 1 26 ? 11.689  7.347   7.142   1.00 26.01 ? 690 GLU A CA  1 
ATOM   170 C C   . GLU A 1 26 ? 11.062  8.335   8.110   1.00 27.00 ? 690 GLU A C   1 
ATOM   171 O O   . GLU A 1 26 ? 11.153  8.161   9.326   1.00 27.82 ? 690 GLU A O   1 
ATOM   172 C CB  . GLU A 1 26 ? 13.150  7.098   7.513   1.00 27.23 ? 690 GLU A CB  1 
ATOM   173 C CG  . GLU A 1 26 ? 13.724  5.835   6.875   1.00 28.41 ? 690 GLU A CG  1 
ATOM   174 C CD  . GLU A 1 26 ? 12.987  4.566   7.300   1.00 28.18 ? 690 GLU A CD  1 
ATOM   175 O OE1 . GLU A 1 26 ? 13.075  4.181   8.486   1.00 27.37 ? 690 GLU A OE1 1 
ATOM   176 O OE2 . GLU A 1 26 ? 12.313  3.956   6.445   1.00 28.48 ? 690 GLU A OE2 1 
ATOM   177 N N   . GLU A 1 27 ? 10.430  9.378   7.576   1.00 28.15 ? 691 GLU A N   1 
ATOM   178 C CA  . GLU A 1 27 ? 9.752   10.346  8.429   1.00 30.04 ? 691 GLU A CA  1 
ATOM   179 C C   . GLU A 1 27 ? 8.498   9.633   8.936   1.00 30.13 ? 691 GLU A C   1 
ATOM   180 O O   . GLU A 1 27 ? 7.617   9.273   8.153   1.00 29.76 ? 691 GLU A O   1 
ATOM   181 C CB  . GLU A 1 27 ? 9.362   11.608  7.647   1.00 31.30 ? 691 GLU A CB  1 
ATOM   182 C CG  . GLU A 1 27 ? 8.620   12.636  8.502   1.00 34.35 ? 691 GLU A CG  1 
ATOM   183 C CD  . GLU A 1 27 ? 9.500   13.290  9.571   1.00 35.37 ? 691 GLU A CD  1 
ATOM   184 O OE1 . GLU A 1 27 ? 8.936   13.866  10.527  1.00 36.92 ? 691 GLU A OE1 1 
ATOM   185 O OE2 . GLU A 1 27 ? 10.745  13.244  9.452   1.00 34.72 ? 691 GLU A OE2 1 
ATOM   186 N N   . PRO A 1 28 ? 8.407   9.423   10.258  1.00 30.66 ? 692 PRO A N   1 
ATOM   187 C CA  . PRO A 1 28 ? 7.282   8.748   10.905  1.00 30.67 ? 692 PRO A CA  1 
ATOM   188 C C   . PRO A 1 28 ? 5.900   9.000   10.319  1.00 30.35 ? 692 PRO A C   1 
ATOM   189 O O   . PRO A 1 28 ? 5.123   8.056   10.150  1.00 30.47 ? 692 PRO A O   1 
ATOM   190 C CB  . PRO A 1 28 ? 7.383   9.224   12.352  1.00 31.38 ? 692 PRO A CB  1 
ATOM   191 C CG  . PRO A 1 28 ? 8.848   9.295   12.549  1.00 31.58 ? 692 PRO A CG  1 
ATOM   192 C CD  . PRO A 1 28 ? 9.315   9.986   11.275  1.00 30.76 ? 692 PRO A CD  1 
ATOM   193 N N   . PHE A 1 29 ? 5.587   10.251  9.995   1.00 29.13 ? 693 PHE A N   1 
ATOM   194 C CA  . PHE A 1 29 ? 4.259   10.532  9.478   1.00 28.47 ? 693 PHE A CA  1 
ATOM   195 C C   . PHE A 1 29 ? 4.033   10.740  7.990   1.00 26.10 ? 693 PHE A C   1 
ATOM   196 O O   . PHE A 1 29 ? 2.966   11.211  7.587   1.00 27.04 ? 693 PHE A O   1 
ATOM   197 C CB  . PHE A 1 29 ? 3.631   11.666  10.280  1.00 31.60 ? 693 PHE A CB  1 
ATOM   198 C CG  . PHE A 1 29 ? 3.248   11.258  11.670  1.00 34.54 ? 693 PHE A CG  1 
ATOM   199 C CD1 . PHE A 1 29 ? 4.206   11.195  12.679  1.00 36.51 ? 693 PHE A CD1 1 
ATOM   200 C CD2 . PHE A 1 29 ? 1.946   10.845  11.952  1.00 35.97 ? 693 PHE A CD2 1 
ATOM   201 C CE1 . PHE A 1 29 ? 3.873   10.735  13.953  1.00 37.69 ? 693 PHE A CE1 1 
ATOM   202 C CE2 . PHE A 1 29 ? 1.604   10.382  13.222  1.00 37.51 ? 693 PHE A CE2 1 
ATOM   203 C CZ  . PHE A 1 29 ? 2.574   10.324  14.221  1.00 37.30 ? 693 PHE A CZ  1 
ATOM   204 N N   . ASP A 1 30 ? 5.008   10.369  7.168   1.00 23.76 ? 694 ASP A N   1 
ATOM   205 C CA  . ASP A 1 30 ? 4.822   10.481  5.728   1.00 23.14 ? 694 ASP A CA  1 
ATOM   206 C C   . ASP A 1 30 ? 3.943   9.311   5.298   1.00 22.68 ? 694 ASP A C   1 
ATOM   207 O O   . ASP A 1 30 ? 3.968   8.245   5.920   1.00 23.86 ? 694 ASP A O   1 
ATOM   208 C CB  . ASP A 1 30 ? 6.149   10.396  4.993   1.00 21.62 ? 694 ASP A CB  1 
ATOM   209 C CG  . ASP A 1 30 ? 6.897   11.703  4.996   1.00 19.06 ? 694 ASP A CG  1 
ATOM   210 O OD1 . ASP A 1 30 ? 7.878   11.807  4.237   1.00 20.43 ? 694 ASP A OD1 1 
ATOM   211 O OD2 . ASP A 1 30 ? 6.503   12.616  5.754   1.00 21.27 ? 694 ASP A OD2 1 
ATOM   212 N N   . PRO A 1 31 ? 3.152   9.487   4.226   1.00 21.69 ? 695 PRO A N   1 
ATOM   213 C CA  . PRO A 1 31 ? 2.296   8.379   3.795   1.00 19.93 ? 695 PRO A CA  1 
ATOM   214 C C   . PRO A 1 31 ? 3.070   7.310   3.034   1.00 19.02 ? 695 PRO A C   1 
ATOM   215 O O   . PRO A 1 31 ? 4.110   7.592   2.434   1.00 19.47 ? 695 PRO A O   1 
ATOM   216 C CB  . PRO A 1 31 ? 1.269   9.072   2.910   1.00 21.43 ? 695 PRO A CB  1 
ATOM   217 C CG  . PRO A 1 31 ? 2.086   10.134  2.237   1.00 21.02 ? 695 PRO A CG  1 
ATOM   218 C CD  . PRO A 1 31 ? 2.952   10.676  3.373   1.00 21.87 ? 695 PRO A CD  1 
ATOM   219 N N   . ILE A 1 32 ? 2.565   6.080   3.082   1.00 18.31 ? 696 ILE A N   1 
ATOM   220 C CA  . ILE A 1 32 ? 3.163   4.967   2.344   1.00 19.13 ? 696 ILE A CA  1 
ATOM   221 C C   . ILE A 1 32 ? 2.267   4.860   1.119   1.00 16.37 ? 696 ILE A C   1 
ATOM   222 O O   . ILE A 1 32 ? 1.090   4.543   1.243   1.00 15.72 ? 696 ILE A O   1 
ATOM   223 C CB  . ILE A 1 32 ? 3.092   3.663   3.143   1.00 20.14 ? 696 ILE A CB  1 
ATOM   224 C CG1 . ILE A 1 32 ? 3.719   3.871   4.526   1.00 24.07 ? 696 ILE A CG1 1 
ATOM   225 C CG2 . ILE A 1 32 ? 3.802   2.548   2.371   1.00 20.07 ? 696 ILE A CG2 1 
ATOM   226 C CD1 . ILE A 1 32 ? 5.163   4.257   4.484   1.00 25.27 ? 696 ILE A CD1 1 
ATOM   227 N N   . ILE A 1 33 ? 2.830   5.134   -0.051  1.00 16.24 ? 697 ILE A N   1 
ATOM   228 C CA  . ILE A 1 33 ? 2.076   5.151   -1.303  1.00 16.96 ? 697 ILE A CA  1 
ATOM   229 C C   . ILE A 1 33 ? 2.368   4.014   -2.275  1.00 17.43 ? 697 ILE A C   1 
ATOM   230 O O   . ILE A 1 33 ? 3.506   3.583   -2.417  1.00 17.01 ? 697 ILE A O   1 
ATOM   231 C CB  . ILE A 1 33 ? 2.344   6.487   -2.067  1.00 18.81 ? 697 ILE A CB  1 
ATOM   232 C CG1 . ILE A 1 33 ? 2.058   7.680   -1.154  1.00 23.11 ? 697 ILE A CG1 1 
ATOM   233 C CG2 . ILE A 1 33 ? 1.508   6.557   -3.332  1.00 22.80 ? 697 ILE A CG2 1 
ATOM   234 C CD1 . ILE A 1 33 ? 0.645   7.724   -0.636  1.00 22.16 ? 697 ILE A CD1 1 
ATOM   235 N N   . ILE A 1 34 ? 1.328   3.532   -2.941  1.00 16.05 ? 698 ILE A N   1 
ATOM   236 C CA  . ILE A 1 34 ? 1.490   2.496   -3.949  1.00 17.03 ? 698 ILE A CA  1 
ATOM   237 C C   . ILE A 1 34 ? 1.998   3.296   -5.154  1.00 18.93 ? 698 ILE A C   1 
ATOM   238 O O   . ILE A 1 34 ? 1.249   4.074   -5.755  1.00 17.94 ? 698 ILE A O   1 
ATOM   239 C CB  . ILE A 1 34 ? 0.127   1.831   -4.274  1.00 17.75 ? 698 ILE A CB  1 
ATOM   240 C CG1 . ILE A 1 34 ? -0.454  1.218   -2.995  1.00 20.44 ? 698 ILE A CG1 1 
ATOM   241 C CG2 . ILE A 1 34 ? 0.296   0.773   -5.356  1.00 19.67 ? 698 ILE A CG2 1 
ATOM   242 C CD1 . ILE A 1 34 ? -1.893  0.759   -3.114  1.00 21.47 ? 698 ILE A CD1 1 
ATOM   243 N N   . SER A 1 35 ? 3.274   3.134   -5.494  1.00 16.90 ? 699 SER A N   1 
ATOM   244 C CA  . SER A 1 35 ? 3.846   3.889   -6.603  1.00 19.86 ? 699 SER A CA  1 
ATOM   245 C C   . SER A 1 35 ? 3.729   3.215   -7.957  1.00 17.79 ? 699 SER A C   1 
ATOM   246 O O   . SER A 1 35 ? 3.625   3.893   -8.975  1.00 20.75 ? 699 SER A O   1 
ATOM   247 C CB  . SER A 1 35 ? 5.309   4.238   -6.312  1.00 20.95 ? 699 SER A CB  1 
ATOM   248 O OG  . SER A 1 35 ? 6.085   3.080   -6.120  1.00 23.28 ? 699 SER A OG  1 
ATOM   249 N N   . SER A 1 36 ? 3.768   1.887   -7.985  1.00 18.42 ? 700 SER A N   1 
ATOM   250 C CA  . SER A 1 36 ? 3.620   1.160   -9.246  1.00 16.52 ? 700 SER A CA  1 
ATOM   251 C C   . SER A 1 36 ? 3.229   -0.283  -8.989  1.00 15.93 ? 700 SER A C   1 
ATOM   252 O O   . SER A 1 36 ? 3.312   -0.764  -7.867  1.00 15.50 ? 700 SER A O   1 
ATOM   253 C CB  . SER A 1 36 ? 4.905   1.207   -10.084 1.00 18.14 ? 700 SER A CB  1 
ATOM   254 O OG  . SER A 1 36 ? 5.960   0.517   -9.449  1.00 19.97 ? 700 SER A OG  1 
ATOM   255 N N   . LEU A 1 37 ? 2.780   -0.954  -10.040 1.00 15.89 ? 701 LEU A N   1 
ATOM   256 C CA  . LEU A 1 37 ? 2.362   -2.342  -9.957  1.00 17.51 ? 701 LEU A CA  1 
ATOM   257 C C   . LEU A 1 37 ? 3.109   -3.133  -11.013 1.00 17.42 ? 701 LEU A C   1 
ATOM   258 O O   . LEU A 1 37 ? 3.375   -2.636  -12.104 1.00 18.12 ? 701 LEU A O   1 
ATOM   259 C CB  . LEU A 1 37 ? 0.857   -2.470  -10.219 1.00 18.00 ? 701 LEU A CB  1 
ATOM   260 C CG  . LEU A 1 37 ? -0.112  -1.703  -9.322  1.00 19.21 ? 701 LEU A CG  1 
ATOM   261 C CD1 . LEU A 1 37 ? -1.522  -1.897  -9.847  1.00 21.92 ? 701 LEU A CD1 1 
ATOM   262 C CD2 . LEU A 1 37 ? -0.001  -2.189  -7.889  1.00 21.16 ? 701 LEU A CD2 1 
ATOM   263 N N   . THR A 1 38 ? 3.442   -4.370  -10.680 1.00 16.70 ? 702 THR A N   1 
ATOM   264 C CA  . THR A 1 38 ? 4.136   -5.238  -11.615 1.00 17.40 ? 702 THR A CA  1 
ATOM   265 C C   . THR A 1 38 ? 3.160   -5.682  -12.694 1.00 17.76 ? 702 THR A C   1 
ATOM   266 O O   . THR A 1 38 ? 2.080   -6.202  -12.401 1.00 17.39 ? 702 THR A O   1 
ATOM   267 C CB  . THR A 1 38 ? 4.682   -6.490  -10.915 1.00 17.10 ? 702 THR A CB  1 
ATOM   268 O OG1 . THR A 1 38 ? 5.659   -6.099  -9.945  1.00 19.73 ? 702 THR A OG1 1 
ATOM   269 C CG2 . THR A 1 38 ? 5.296   -7.438  -11.927 1.00 17.26 ? 702 THR A CG2 1 
ATOM   270 N N   . LYS A 1 39 ? 3.533   -5.468  -13.946 1.00 18.39 ? 703 LYS A N   1 
ATOM   271 C CA  . LYS A 1 39 ? 2.676   -5.875  -15.039 1.00 21.72 ? 703 LYS A CA  1 
ATOM   272 C C   . LYS A 1 39 ? 2.506   -7.394  -14.998 1.00 22.08 ? 703 LYS A C   1 
ATOM   273 O O   . LYS A 1 39 ? 3.481   -8.143  -15.063 1.00 22.49 ? 703 LYS A O   1 
ATOM   274 C CB  . LYS A 1 39 ? 3.289   -5.465  -16.368 1.00 22.56 ? 703 LYS A CB  1 
ATOM   275 C CG  . LYS A 1 39 ? 2.468   -5.894  -17.555 1.00 27.46 ? 703 LYS A CG  1 
ATOM   276 C CD  . LYS A 1 39 ? 3.114   -5.435  -18.833 1.00 30.00 ? 703 LYS A CD  1 
ATOM   277 C CE  . LYS A 1 39 ? 2.290   -5.838  -20.033 1.00 32.24 ? 703 LYS A CE  1 
ATOM   278 N NZ  . LYS A 1 39 ? 2.972   -5.367  -21.271 1.00 34.63 ? 703 LYS A NZ  1 
ATOM   279 N N   . GLY A 1 40 ? 1.261   -7.842  -14.886 1.00 23.16 ? 704 GLY A N   1 
ATOM   280 C CA  . GLY A 1 40 ? 0.990   -9.267  -14.840 1.00 22.91 ? 704 GLY A CA  1 
ATOM   281 C C   . GLY A 1 40 ? 1.068   -9.814  -13.430 1.00 22.21 ? 704 GLY A C   1 
ATOM   282 O O   . GLY A 1 40 ? 0.887   -11.013 -13.210 1.00 23.49 ? 704 GLY A O   1 
ATOM   283 N N   . GLY A 1 41 ? 1.343   -8.934  -12.471 1.00 19.86 ? 705 GLY A N   1 
ATOM   284 C CA  . GLY A 1 41 ? 1.434   -9.358  -11.086 1.00 19.11 ? 705 GLY A CA  1 
ATOM   285 C C   . GLY A 1 41 ? 0.072   -9.612  -10.471 1.00 16.53 ? 705 GLY A C   1 
ATOM   286 O O   . GLY A 1 41 ? -0.955  -9.317  -11.080 1.00 18.02 ? 705 GLY A O   1 
ATOM   287 N N   . LEU A 1 42 ? 0.052   -10.153 -9.259  1.00 17.27 ? 706 LEU A N   1 
ATOM   288 C CA  . LEU A 1 42 ? -1.214  -10.441 -8.590  1.00 17.09 ? 706 LEU A CA  1 
ATOM   289 C C   . LEU A 1 42 ? -2.054  -9.183  -8.375  1.00 16.91 ? 706 LEU A C   1 
ATOM   290 O O   . LEU A 1 42 ? -3.232  -9.152  -8.735  1.00 15.15 ? 706 LEU A O   1 
ATOM   291 C CB  . LEU A 1 42 ? -0.963  -11.121 -7.242  1.00 18.04 ? 706 LEU A CB  1 
ATOM   292 C CG  . LEU A 1 42 ? -2.195  -11.371 -6.360  1.00 18.50 ? 706 LEU A CG  1 
ATOM   293 C CD1 . LEU A 1 42 ? -3.217  -12.248 -7.100  1.00 19.87 ? 706 LEU A CD1 1 
ATOM   294 C CD2 . LEU A 1 42 ? -1.755  -12.020 -5.059  1.00 17.86 ? 706 LEU A CD2 1 
ATOM   295 N N   . ALA A 1 43 ? -1.444  -8.150  -7.792  1.00 14.91 ? 707 ALA A N   1 
ATOM   296 C CA  . ALA A 1 43 ? -2.144  -6.893  -7.522  1.00 15.96 ? 707 ALA A CA  1 
ATOM   297 C C   . ALA A 1 43 ? -2.832  -6.373  -8.771  1.00 15.97 ? 707 ALA A C   1 
ATOM   298 O O   . ALA A 1 43 ? -4.022  -6.056  -8.745  1.00 15.21 ? 707 ALA A O   1 
ATOM   299 C CB  . ALA A 1 43 ? -1.170  -5.840  -6.988  1.00 15.10 ? 707 ALA A CB  1 
ATOM   300 N N   . GLU A 1 44 ? -2.092  -6.283  -9.871  1.00 16.53 ? 708 GLU A N   1 
ATOM   301 C CA  . GLU A 1 44 ? -2.685  -5.798  -11.110 1.00 16.10 ? 708 GLU A CA  1 
ATOM   302 C C   . GLU A 1 44 ? -3.822  -6.687  -11.634 1.00 16.77 ? 708 GLU A C   1 
ATOM   303 O O   . GLU A 1 44 ? -4.850  -6.178  -12.089 1.00 18.66 ? 708 GLU A O   1 
ATOM   304 C CB  . GLU A 1 44 ? -1.620  -5.646  -12.197 1.00 19.32 ? 708 GLU A CB  1 
ATOM   305 C CG  . GLU A 1 44 ? -2.216  -5.232  -13.528 1.00 21.67 ? 708 GLU A CG  1 
ATOM   306 C CD  . GLU A 1 44 ? -1.173  -4.984  -14.578 1.00 24.80 ? 708 GLU A CD  1 
ATOM   307 O OE1 . GLU A 1 44 ? -0.556  -3.897  -14.552 1.00 26.94 ? 708 GLU A OE1 1 
ATOM   308 O OE2 . GLU A 1 44 ? -0.965  -5.881  -15.424 1.00 26.54 ? 708 GLU A OE2 1 
ATOM   309 N N   . ARG A 1 45 ? -3.640  -8.003  -11.569 1.00 16.56 ? 709 ARG A N   1 
ATOM   310 C CA  . ARG A 1 45 ? -4.655  -8.940  -12.043 1.00 17.98 ? 709 ARG A CA  1 
ATOM   311 C C   . ARG A 1 45 ? -5.974  -8.853  -11.284 1.00 17.65 ? 709 ARG A C   1 
ATOM   312 O O   . ARG A 1 45 ? -7.022  -9.162  -11.838 1.00 17.70 ? 709 ARG A O   1 
ATOM   313 C CB  . ARG A 1 45 ? -4.134  -10.374 -11.980 1.00 20.38 ? 709 ARG A CB  1 
ATOM   314 C CG  . ARG A 1 45 ? -3.118  -10.687 -13.040 1.00 25.53 ? 709 ARG A CG  1 
ATOM   315 C CD  . ARG A 1 45 ? -2.599  -12.101 -12.897 1.00 30.59 ? 709 ARG A CD  1 
ATOM   316 N NE  . ARG A 1 45 ? -1.498  -12.354 -13.822 1.00 36.23 ? 709 ARG A NE  1 
ATOM   317 C CZ  . ARG A 1 45 ? -1.611  -12.325 -15.150 1.00 38.36 ? 709 ARG A CZ  1 
ATOM   318 N NH1 . ARG A 1 45 ? -2.786  -12.054 -15.711 1.00 41.05 ? 709 ARG A NH1 1 
ATOM   319 N NH2 . ARG A 1 45 ? -0.551  -12.567 -15.918 1.00 40.71 ? 709 ARG A NH2 1 
ATOM   320 N N   . THR A 1 46 ? -5.930  -8.447  -10.020 1.00 16.69 ? 710 THR A N   1 
ATOM   321 C CA  . THR A 1 46 ? -7.159  -8.324  -9.238  1.00 16.80 ? 710 THR A CA  1 
ATOM   322 C C   . THR A 1 46 ? -7.908  -7.050  -9.632  1.00 17.83 ? 710 THR A C   1 
ATOM   323 O O   . THR A 1 46 ? -9.142  -6.997  -9.585  1.00 17.62 ? 710 THR A O   1 
ATOM   324 C CB  . THR A 1 46 ? -6.880  -8.217  -7.719  1.00 17.87 ? 710 THR A CB  1 
ATOM   325 O OG1 . THR A 1 46 ? -6.188  -6.986  -7.447  1.00 17.80 ? 710 THR A OG1 1 
ATOM   326 C CG2 . THR A 1 46 ? -6.059  -9.410  -7.227  1.00 19.09 ? 710 THR A CG2 1 
ATOM   327 N N   . GLY A 1 47 ? -7.139  -6.027  -10.008 1.00 18.27 ? 711 GLY A N   1 
ATOM   328 C CA  . GLY A 1 47 ? -7.713  -4.743  -10.373 1.00 19.31 ? 711 GLY A CA  1 
ATOM   329 C C   . GLY A 1 47 ? -8.236  -4.005  -9.145  1.00 19.39 ? 711 GLY A C   1 
ATOM   330 O O   . GLY A 1 47 ? -8.957  -3.019  -9.267  1.00 21.35 ? 711 GLY A O   1 
ATOM   331 N N   . ALA A 1 48 ? -7.857  -4.468  -7.960  1.00 19.61 ? 712 ALA A N   1 
ATOM   332 C CA  . ALA A 1 48 ? -8.329  -3.871  -6.711  1.00 21.59 ? 712 ALA A CA  1 
ATOM   333 C C   . ALA A 1 48 ? -7.296  -3.009  -5.999  1.00 20.28 ? 712 ALA A C   1 
ATOM   334 O O   . ALA A 1 48 ? -7.554  -2.515  -4.897  1.00 21.67 ? 712 ALA A O   1 
ATOM   335 C CB  . ALA A 1 48 ? -8.793  -4.978  -5.762  1.00 21.63 ? 712 ALA A CB  1 
ATOM   336 N N   . ILE A 1 49 ? -6.129  -2.858  -6.619  1.00 18.96 ? 713 ILE A N   1 
ATOM   337 C CA  . ILE A 1 49 ? -5.029  -2.075  -6.056  1.00 18.55 ? 713 ILE A CA  1 
ATOM   338 C C   . ILE A 1 49 ? -4.653  -1.036  -7.094  1.00 16.96 ? 713 ILE A C   1 
ATOM   339 O O   . ILE A 1 49 ? -4.427  -1.371  -8.262  1.00 18.74 ? 713 ILE A O   1 
ATOM   340 C CB  . ILE A 1 49 ? -3.788  -2.961  -5.786  1.00 19.07 ? 713 ILE A CB  1 
ATOM   341 C CG1 . ILE A 1 49 ? -4.197  -4.204  -4.997  1.00 20.06 ? 713 ILE A CG1 1 
ATOM   342 C CG2 . ILE A 1 49 ? -2.733  -2.177  -5.018  1.00 19.92 ? 713 ILE A CG2 1 
ATOM   343 C CD1 . ILE A 1 49 ? -4.849  -3.911  -3.660  1.00 22.44 ? 713 ILE A CD1 1 
ATOM   344 N N   . HIS A 1 50 ? -4.566  0.221   -6.675  1.00 16.93 ? 714 HIS A N   1 
ATOM   345 C CA  . HIS A 1 50 ? -4.243  1.287   -7.618  1.00 17.90 ? 714 HIS A CA  1 
ATOM   346 C C   . HIS A 1 50 ? -3.112  2.217   -7.221  1.00 16.98 ? 714 HIS A C   1 
ATOM   347 O O   . HIS A 1 50 ? -2.925  2.548   -6.045  1.00 17.24 ? 714 HIS A O   1 
ATOM   348 C CB  . HIS A 1 50 ? -5.496  2.119   -7.910  1.00 20.24 ? 714 HIS A CB  1 
ATOM   349 C CG  . HIS A 1 50 ? -6.638  1.308   -8.416  1.00 22.27 ? 714 HIS A CG  1 
ATOM   350 N ND1 . HIS A 1 50 ? -7.441  0.554   -7.586  1.00 24.38 ? 714 HIS A ND1 1 
ATOM   351 C CD2 . HIS A 1 50 ? -7.071  1.059   -9.678  1.00 23.83 ? 714 HIS A CD2 1 
ATOM   352 C CE1 . HIS A 1 50 ? -8.310  -0.121  -8.310  1.00 23.21 ? 714 HIS A CE1 1 
ATOM   353 N NE2 . HIS A 1 50 ? -8.104  0.170   -9.586  1.00 24.94 ? 714 HIS A NE2 1 
ATOM   354 N N   . ILE A 1 51 ? -2.365  2.633   -8.232  1.00 16.38 ? 715 ILE A N   1 
ATOM   355 C CA  . ILE A 1 51 ? -1.261  3.541   -8.036  1.00 17.99 ? 715 ILE A CA  1 
ATOM   356 C C   . ILE A 1 51 ? -1.782  4.855   -7.462  1.00 17.98 ? 715 ILE A C   1 
ATOM   357 O O   . ILE A 1 51 ? -2.817  5.375   -7.885  1.00 18.88 ? 715 ILE A O   1 
ATOM   358 C CB  . ILE A 1 51 ? -0.545  3.802   -9.362  1.00 18.80 ? 715 ILE A CB  1 
ATOM   359 C CG1 . ILE A 1 51 ? 0.120   2.510   -9.840  1.00 21.36 ? 715 ILE A CG1 1 
ATOM   360 C CG2 . ILE A 1 51 ? 0.470   4.917   -9.200  1.00 22.37 ? 715 ILE A CG2 1 
ATOM   361 C CD1 . ILE A 1 51 ? 0.911   2.677   -11.125 1.00 25.52 ? 715 ILE A CD1 1 
ATOM   362 N N   . GLY A 1 52 ? -1.071  5.371   -6.470  1.00 18.35 ? 716 GLY A N   1 
ATOM   363 C CA  . GLY A 1 52 ? -1.468  6.629   -5.873  1.00 18.74 ? 716 GLY A CA  1 
ATOM   364 C C   . GLY A 1 52 ? -2.192  6.490   -4.559  1.00 19.12 ? 716 GLY A C   1 
ATOM   365 O O   . GLY A 1 52 ? -2.192  7.418   -3.762  1.00 20.69 ? 716 GLY A O   1 
ATOM   366 N N   . ASP A 1 53 ? -2.819  5.349   -4.318  1.00 16.68 ? 717 ASP A N   1 
ATOM   367 C CA  . ASP A 1 53 ? -3.518  5.185   -3.056  1.00 17.62 ? 717 ASP A CA  1 
ATOM   368 C C   . ASP A 1 53 ? -2.498  4.935   -1.950  1.00 16.40 ? 717 ASP A C   1 
ATOM   369 O O   . ASP A 1 53 ? -1.367  4.525   -2.220  1.00 17.43 ? 717 ASP A O   1 
ATOM   370 C CB  . ASP A 1 53 ? -4.526  4.034   -3.135  1.00 17.56 ? 717 ASP A CB  1 
ATOM   371 C CG  . ASP A 1 53 ? -5.620  4.287   -4.161  1.00 19.23 ? 717 ASP A CG  1 
ATOM   372 O OD1 . ASP A 1 53 ? -5.945  5.466   -4.428  1.00 19.44 ? 717 ASP A OD1 1 
ATOM   373 O OD2 . ASP A 1 53 ? -6.167  3.301   -4.693  1.00 19.26 ? 717 ASP A OD2 1 
ATOM   374 N N   . ARG A 1 54 ? -2.888  5.198   -0.706  1.00 15.72 ? 718 ARG A N   1 
ATOM   375 C CA  . ARG A 1 54 ? -1.973  5.000   0.412   1.00 15.86 ? 718 ARG A CA  1 
ATOM   376 C C   . ARG A 1 54 ? -2.383  3.826   1.280   1.00 15.90 ? 718 ARG A C   1 
ATOM   377 O O   . ARG A 1 54 ? -3.576  3.543   1.453   1.00 14.89 ? 718 ARG A O   1 
ATOM   378 C CB  . ARG A 1 54 ? -1.883  6.260   1.275   1.00 19.83 ? 718 ARG A CB  1 
ATOM   379 C CG  . ARG A 1 54 ? -3.102  6.546   2.112   1.00 24.52 ? 718 ARG A CG  1 
ATOM   380 C CD  . ARG A 1 54 ? -2.865  7.816   2.922   1.00 27.75 ? 718 ARG A CD  1 
ATOM   381 N NE  . ARG A 1 54 ? -2.615  8.964   2.047   1.00 28.81 ? 718 ARG A NE  1 
ATOM   382 C CZ  . ARG A 1 54 ? -2.031  10.101  2.432   1.00 28.29 ? 718 ARG A CZ  1 
ATOM   383 N NH1 . ARG A 1 54 ? -1.619  10.266  3.690   1.00 25.38 ? 718 ARG A NH1 1 
ATOM   384 N NH2 . ARG A 1 54 ? -1.851  11.075  1.552   1.00 27.26 ? 718 ARG A NH2 1 
ATOM   385 N N   . ILE A 1 55 ? -1.383  3.141   1.822   1.00 14.87 ? 719 ILE A N   1 
ATOM   386 C CA  . ILE A 1 55 ? -1.617  1.988   2.677   1.00 17.15 ? 719 ILE A CA  1 
ATOM   387 C C   . ILE A 1 55 ? -1.645  2.461   4.119   1.00 17.30 ? 719 ILE A C   1 
ATOM   388 O O   . ILE A 1 55 ? -0.662  3.017   4.615   1.00 19.13 ? 719 ILE A O   1 
ATOM   389 C CB  . ILE A 1 55 ? -0.507  0.933   2.477   1.00 16.47 ? 719 ILE A CB  1 
ATOM   390 C CG1 . ILE A 1 55 ? -0.512  0.470   1.015   1.00 18.56 ? 719 ILE A CG1 1 
ATOM   391 C CG2 . ILE A 1 55 ? -0.711  -0.245  3.428   1.00 18.40 ? 719 ILE A CG2 1 
ATOM   392 C CD1 . ILE A 1 55 ? 0.633   -0.459  0.651   1.00 20.18 ? 719 ILE A CD1 1 
ATOM   393 N N   . LEU A 1 56 ? -2.781  2.250   4.781   1.00 15.86 ? 720 LEU A N   1 
ATOM   394 C CA  . LEU A 1 56 ? -2.960  2.664   6.169   1.00 17.30 ? 720 LEU A CA  1 
ATOM   395 C C   . LEU A 1 56 ? -2.592  1.575   7.184   1.00 18.75 ? 720 LEU A C   1 
ATOM   396 O O   . LEU A 1 56 ? -2.241  1.873   8.323   1.00 20.80 ? 720 LEU A O   1 
ATOM   397 C CB  . LEU A 1 56 ? -4.412  3.104   6.398   1.00 17.66 ? 720 LEU A CB  1 
ATOM   398 C CG  . LEU A 1 56 ? -4.973  4.212   5.501   1.00 17.86 ? 720 LEU A CG  1 
ATOM   399 C CD1 . LEU A 1 56 ? -6.413  4.509   5.895   1.00 18.93 ? 720 LEU A CD1 1 
ATOM   400 C CD2 . LEU A 1 56 ? -4.121  5.461   5.622   1.00 19.98 ? 720 LEU A CD2 1 
ATOM   401 N N   . ALA A 1 57 ? -2.678  0.313   6.771   1.00 19.25 ? 721 ALA A N   1 
ATOM   402 C CA  . ALA A 1 57 ? -2.354  -0.798  7.659   1.00 18.79 ? 721 ALA A CA  1 
ATOM   403 C C   . ALA A 1 57 ? -2.035  -2.042  6.857   1.00 18.41 ? 721 ALA A C   1 
ATOM   404 O O   . ALA A 1 57 ? -2.532  -2.214  5.746   1.00 18.02 ? 721 ALA A O   1 
ATOM   405 C CB  . ALA A 1 57 ? -3.522  -1.078  8.598   1.00 19.70 ? 721 ALA A CB  1 
ATOM   406 N N   . ILE A 1 58 ? -1.198  -2.903  7.422   1.00 18.16 ? 722 ILE A N   1 
ATOM   407 C CA  . ILE A 1 58 ? -0.823  -4.149  6.770   1.00 19.15 ? 722 ILE A CA  1 
ATOM   408 C C   . ILE A 1 58 ? -1.066  -5.273  7.762   1.00 20.03 ? 722 ILE A C   1 
ATOM   409 O O   . ILE A 1 58 ? -0.500  -5.273  8.857   1.00 19.41 ? 722 ILE A O   1 
ATOM   410 C CB  . ILE A 1 58 ? 0.659   -4.142  6.348   1.00 20.13 ? 722 ILE A CB  1 
ATOM   411 C CG1 . ILE A 1 58 ? 0.891   -3.048  5.303   1.00 20.97 ? 722 ILE A CG1 1 
ATOM   412 C CG2 . ILE A 1 58 ? 1.050   -5.498  5.770   1.00 21.03 ? 722 ILE A CG2 1 
ATOM   413 C CD1 . ILE A 1 58 ? 2.344   -2.894  4.878   1.00 21.14 ? 722 ILE A CD1 1 
ATOM   414 N N   . ASN A 1 59 ? -1.918  -6.222  7.386   1.00 19.41 ? 723 ASN A N   1 
ATOM   415 C CA  . ASN A 1 59 ? -2.242  -7.341  8.266   1.00 21.50 ? 723 ASN A CA  1 
ATOM   416 C C   . ASN A 1 59 ? -2.674  -6.824  9.632   1.00 21.25 ? 723 ASN A C   1 
ATOM   417 O O   . ASN A 1 59 ? -2.242  -7.315  10.673  1.00 22.59 ? 723 ASN A O   1 
ATOM   418 C CB  . ASN A 1 59 ? -1.035  -8.276  8.395   1.00 22.17 ? 723 ASN A CB  1 
ATOM   419 C CG  . ASN A 1 59 ? -0.803  -9.104  7.134   1.00 24.07 ? 723 ASN A CG  1 
ATOM   420 O OD1 . ASN A 1 59 ? 0.306   -9.573  6.881   1.00 25.70 ? 723 ASN A OD1 1 
ATOM   421 N ND2 . ASN A 1 59 ? -1.851  -9.289  6.346   1.00 20.85 ? 723 ASN A ND2 1 
ATOM   422 N N   . SER A 1 60 ? -3.537  -5.815  9.603   1.00 22.71 ? 724 SER A N   1 
ATOM   423 C CA  . SER A 1 60 ? -4.080  -5.193  10.801  1.00 24.53 ? 724 SER A CA  1 
ATOM   424 C C   . SER A 1 60 ? -3.082  -4.400  11.644  1.00 24.65 ? 724 SER A C   1 
ATOM   425 O O   . SER A 1 60 ? -3.427  -3.916  12.719  1.00 25.44 ? 724 SER A O   1 
ATOM   426 C CB  . SER A 1 60 ? -4.778  -6.242  11.670  1.00 26.56 ? 724 SER A CB  1 
ATOM   427 O OG  . SER A 1 60 ? -6.000  -6.661  11.074  1.00 31.96 ? 724 SER A OG  1 
ATOM   428 N N   . SER A 1 61 ? -1.854  -4.270  11.154  1.00 22.77 ? 725 SER A N   1 
ATOM   429 C CA  . SER A 1 61 ? -0.831  -3.505  11.860  1.00 23.82 ? 725 SER A CA  1 
ATOM   430 C C   . SER A 1 61 ? -0.817  -2.103  11.242  1.00 22.27 ? 725 SER A C   1 
ATOM   431 O O   . SER A 1 61 ? -0.421  -1.924  10.090  1.00 21.25 ? 725 SER A O   1 
ATOM   432 C CB  . SER A 1 61 ? 0.535   -4.172  11.699  1.00 24.11 ? 725 SER A CB  1 
ATOM   433 O OG  . SER A 1 61 ? 1.504   -3.528  12.503  1.00 29.68 ? 725 SER A OG  1 
ATOM   434 N N   . SER A 1 62 ? -1.265  -1.114  12.011  1.00 23.10 ? 726 SER A N   1 
ATOM   435 C CA  . SER A 1 62 ? -1.338  0.265   11.537  1.00 23.46 ? 726 SER A CA  1 
ATOM   436 C C   . SER A 1 62 ? 0.004   0.880   11.157  1.00 23.30 ? 726 SER A C   1 
ATOM   437 O O   . SER A 1 62 ? 1.023   0.615   11.793  1.00 23.70 ? 726 SER A O   1 
ATOM   438 C CB  . SER A 1 62 ? -2.010  1.140   12.597  1.00 25.09 ? 726 SER A CB  1 
ATOM   439 O OG  . SER A 1 62 ? -2.066  2.490   12.175  1.00 25.68 ? 726 SER A OG  1 
ATOM   440 N N   . LEU A 1 63 ? -0.002  1.707   10.117  1.00 21.69 ? 727 LEU A N   1 
ATOM   441 C CA  . LEU A 1 63 ? 1.212   2.375   9.664   1.00 21.42 ? 727 LEU A CA  1 
ATOM   442 C C   . LEU A 1 63 ? 1.243   3.835   10.124  1.00 20.68 ? 727 LEU A C   1 
ATOM   443 O O   . LEU A 1 63 ? 2.121   4.606   9.738   1.00 20.42 ? 727 LEU A O   1 
ATOM   444 C CB  . LEU A 1 63 ? 1.317   2.314   8.140   1.00 21.63 ? 727 LEU A CB  1 
ATOM   445 C CG  . LEU A 1 63 ? 1.543   0.927   7.534   1.00 21.60 ? 727 LEU A CG  1 
ATOM   446 C CD1 . LEU A 1 63 ? 1.723   1.053   6.029   1.00 21.23 ? 727 LEU A CD1 1 
ATOM   447 C CD2 . LEU A 1 63 ? 2.780   0.290   8.171   1.00 22.91 ? 727 LEU A CD2 1 
ATOM   448 N N   . LYS A 1 64 ? 0.283   4.204   10.958  1.00 22.00 ? 728 LYS A N   1 
ATOM   449 C CA  . LYS A 1 64 ? 0.225   5.565   11.461  1.00 23.60 ? 728 LYS A CA  1 
ATOM   450 C C   . LYS A 1 64 ? 1.508   5.878   12.223  1.00 24.47 ? 728 LYS A C   1 
ATOM   451 O O   . LYS A 1 64 ? 1.835   5.202   13.199  1.00 24.26 ? 728 LYS A O   1 
ATOM   452 C CB  . LYS A 1 64 ? -0.972  5.735   12.388  1.00 25.38 ? 728 LYS A CB  1 
ATOM   453 C CG  . LYS A 1 64 ? -1.179  7.157   12.868  1.00 29.96 ? 728 LYS A CG  1 
ATOM   454 C CD  . LYS A 1 64 ? -2.379  7.236   13.790  1.00 33.71 ? 728 LYS A CD  1 
ATOM   455 C CE  . LYS A 1 64 ? -2.585  8.647   14.335  1.00 36.02 ? 728 LYS A CE  1 
ATOM   456 N NZ  . LYS A 1 64 ? -3.667  8.680   15.371  1.00 37.23 ? 728 LYS A NZ  1 
ATOM   457 N N   . GLY A 1 65 ? 2.234   6.893   11.768  1.00 24.57 ? 729 GLY A N   1 
ATOM   458 C CA  . GLY A 1 65 ? 3.465   7.275   12.433  1.00 25.46 ? 729 GLY A CA  1 
ATOM   459 C C   . GLY A 1 65 ? 4.593   6.283   12.236  1.00 25.13 ? 729 GLY A C   1 
ATOM   460 O O   . GLY A 1 65 ? 5.603   6.339   12.939  1.00 26.73 ? 729 GLY A O   1 
ATOM   461 N N   . LYS A 1 66 ? 4.431   5.368   11.284  1.00 24.16 ? 730 LYS A N   1 
ATOM   462 C CA  . LYS A 1 66 ? 5.467   4.376   11.012  1.00 22.73 ? 730 LYS A CA  1 
ATOM   463 C C   . LYS A 1 66 ? 6.209   4.718   9.723   1.00 21.76 ? 730 LYS A C   1 
ATOM   464 O O   . LYS A 1 66 ? 5.605   5.129   8.738   1.00 23.84 ? 730 LYS A O   1 
ATOM   465 C CB  . LYS A 1 66 ? 4.855   2.974   10.890  1.00 22.06 ? 730 LYS A CB  1 
ATOM   466 C CG  . LYS A 1 66 ? 4.100   2.503   12.118  1.00 24.16 ? 730 LYS A CG  1 
ATOM   467 C CD  . LYS A 1 66 ? 5.022   2.347   13.314  1.00 24.16 ? 730 LYS A CD  1 
ATOM   468 C CE  . LYS A 1 66 ? 4.230   1.990   14.557  1.00 27.91 ? 730 LYS A CE  1 
ATOM   469 N NZ  . LYS A 1 66 ? 5.134   1.722   15.711  1.00 30.29 ? 730 LYS A NZ  1 
ATOM   470 N N   . PRO A 1 67 ? 7.540   4.560   9.713   1.00 22.10 ? 731 PRO A N   1 
ATOM   471 C CA  . PRO A 1 67 ? 8.334   4.862   8.512   1.00 21.29 ? 731 PRO A CA  1 
ATOM   472 C C   . PRO A 1 67 ? 8.219   3.774   7.431   1.00 21.01 ? 731 PRO A C   1 
ATOM   473 O O   . PRO A 1 67 ? 7.693   2.697   7.685   1.00 19.11 ? 731 PRO A O   1 
ATOM   474 C CB  . PRO A 1 67 ? 9.750   4.986   9.068   1.00 22.91 ? 731 PRO A CB  1 
ATOM   475 C CG  . PRO A 1 67 ? 9.737   3.995   10.213  1.00 21.30 ? 731 PRO A CG  1 
ATOM   476 C CD  . PRO A 1 67 ? 8.403   4.239   10.865  1.00 21.54 ? 731 PRO A CD  1 
ATOM   477 N N   . LEU A 1 68 ? 8.714   4.052   6.231   1.00 20.54 ? 732 LEU A N   1 
ATOM   478 C CA  . LEU A 1 68 ? 8.648   3.073   5.147   1.00 20.24 ? 732 LEU A CA  1 
ATOM   479 C C   . LEU A 1 68 ? 9.305   1.750   5.528   1.00 20.18 ? 732 LEU A C   1 
ATOM   480 O O   . LEU A 1 68 ? 8.830   0.683   5.148   1.00 20.12 ? 732 LEU A O   1 
ATOM   481 C CB  . LEU A 1 68 ? 9.325   3.619   3.889   1.00 21.64 ? 732 LEU A CB  1 
ATOM   482 C CG  . LEU A 1 68 ? 9.321   2.692   2.670   1.00 22.46 ? 732 LEU A CG  1 
ATOM   483 C CD1 . LEU A 1 68 ? 7.897   2.512   2.180   1.00 24.90 ? 732 LEU A CD1 1 
ATOM   484 C CD2 . LEU A 1 68 ? 10.179  3.260   1.570   1.00 23.49 ? 732 LEU A CD2 1 
ATOM   485 N N   . SER A 1 69 ? 10.402  1.819   6.272   1.00 19.93 ? 733 SER A N   1 
ATOM   486 C CA  . SER A 1 69 ? 11.112  0.610   6.673   1.00 19.77 ? 733 SER A CA  1 
ATOM   487 C C   . SER A 1 69 ? 10.206  -0.379  7.407   1.00 20.14 ? 733 SER A C   1 
ATOM   488 O O   . SER A 1 69 ? 10.373  -1.593  7.283   1.00 18.17 ? 733 SER A O   1 
ATOM   489 C CB  . SER A 1 69 ? 12.324  0.973   7.544   1.00 18.54 ? 733 SER A CB  1 
ATOM   490 O OG  . SER A 1 69 ? 11.932  1.620   8.739   1.00 20.08 ? 733 SER A OG  1 
ATOM   491 N N   . GLU A 1 70 ? 9.245   0.135   8.168   1.00 20.09 ? 734 GLU A N   1 
ATOM   492 C CA  . GLU A 1 70 ? 8.321   -0.727  8.894   1.00 20.40 ? 734 GLU A CA  1 
ATOM   493 C C   . GLU A 1 70 ? 7.308   -1.385  7.962   1.00 21.81 ? 734 GLU A C   1 
ATOM   494 O O   . GLU A 1 70 ? 6.940   -2.544  8.164   1.00 20.48 ? 734 GLU A O   1 
ATOM   495 C CB  . GLU A 1 70 ? 7.581   0.066   9.966   1.00 22.64 ? 734 GLU A CB  1 
ATOM   496 C CG  . GLU A 1 70 ? 8.463   0.493   11.118  1.00 25.90 ? 734 GLU A CG  1 
ATOM   497 C CD  . GLU A 1 70 ? 8.965   -0.680  11.931  1.00 27.86 ? 734 GLU A CD  1 
ATOM   498 O OE1 . GLU A 1 70 ? 8.123   -1.431  12.469  1.00 29.24 ? 734 GLU A OE1 1 
ATOM   499 O OE2 . GLU A 1 70 ? 10.196  -0.848  12.034  1.00 27.80 ? 734 GLU A OE2 1 
ATOM   500 N N   . ALA A 1 71 ? 6.853   -0.642  6.952   1.00 20.12 ? 735 ALA A N   1 
ATOM   501 C CA  . ALA A 1 71 ? 5.887   -1.157  5.981   1.00 21.21 ? 735 ALA A CA  1 
ATOM   502 C C   . ALA A 1 71 ? 6.548   -2.287  5.187   1.00 20.28 ? 735 ALA A C   1 
ATOM   503 O O   . ALA A 1 71 ? 5.944   -3.341  4.971   1.00 19.26 ? 735 ALA A O   1 
ATOM   504 C CB  . ALA A 1 71 ? 5.424   -0.034  5.031   1.00 20.86 ? 735 ALA A CB  1 
ATOM   505 N N   . ILE A 1 72 ? 7.789   -2.063  4.756   1.00 19.92 ? 736 ILE A N   1 
ATOM   506 C CA  . ILE A 1 72 ? 8.534   -3.070  4.007   1.00 19.41 ? 736 ILE A CA  1 
ATOM   507 C C   . ILE A 1 72 ? 8.707   -4.322  4.870   1.00 19.65 ? 736 ILE A C   1 
ATOM   508 O O   . ILE A 1 72 ? 8.574   -5.443  4.384   1.00 20.23 ? 736 ILE A O   1 
ATOM   509 C CB  . ILE A 1 72 ? 9.917   -2.530  3.590   1.00 19.86 ? 736 ILE A CB  1 
ATOM   510 C CG1 . ILE A 1 72 ? 9.729   -1.363  2.619   1.00 20.77 ? 736 ILE A CG1 1 
ATOM   511 C CG2 . ILE A 1 72 ? 10.762  -3.638  2.951   1.00 20.59 ? 736 ILE A CG2 1 
ATOM   512 C CD1 . ILE A 1 72 ? 11.017  -0.651  2.264   1.00 22.28 ? 736 ILE A CD1 1 
ATOM   513 N N   . HIS A 1 73 ? 8.989   -4.123  6.154   1.00 19.48 ? 737 HIS A N   1 
ATOM   514 C CA  . HIS A 1 73 ? 9.159   -5.232  7.082   1.00 19.00 ? 737 HIS A CA  1 
ATOM   515 C C   . HIS A 1 73 ? 7.859   -6.028  7.229   1.00 19.74 ? 737 HIS A C   1 
ATOM   516 O O   . HIS A 1 73 ? 7.866   -7.255  7.154   1.00 20.49 ? 737 HIS A O   1 
ATOM   517 C CB  . HIS A 1 73 ? 9.594   -4.703  8.442   1.00 19.16 ? 737 HIS A CB  1 
ATOM   518 C CG  . HIS A 1 73 ? 9.764   -5.767  9.477   1.00 19.13 ? 737 HIS A CG  1 
ATOM   519 N ND1 . HIS A 1 73 ? 10.731  -6.749  9.389   1.00 20.62 ? 737 HIS A ND1 1 
ATOM   520 C CD2 . HIS A 1 73 ? 9.094   -6.013  10.629  1.00 19.60 ? 737 HIS A CD2 1 
ATOM   521 C CE1 . HIS A 1 73 ? 10.649  -7.546  10.434  1.00 19.33 ? 737 HIS A CE1 1 
ATOM   522 N NE2 . HIS A 1 73 ? 9.661   -7.120  11.207  1.00 22.30 ? 737 HIS A NE2 1 
ATOM   523 N N   . LEU A 1 74 ? 6.747   -5.328  7.436   1.00 19.19 ? 738 LEU A N   1 
ATOM   524 C CA  . LEU A 1 74 ? 5.447   -5.981  7.579   1.00 21.46 ? 738 LEU A CA  1 
ATOM   525 C C   . LEU A 1 74 ? 5.102   -6.813  6.350   1.00 23.06 ? 738 LEU A C   1 
ATOM   526 O O   . LEU A 1 74 ? 4.572   -7.914  6.471   1.00 23.00 ? 738 LEU A O   1 
ATOM   527 C CB  . LEU A 1 74 ? 4.354   -4.940  7.827   1.00 21.18 ? 738 LEU A CB  1 
ATOM   528 C CG  . LEU A 1 74 ? 4.398   -4.300  9.216   1.00 22.61 ? 738 LEU A CG  1 
ATOM   529 C CD1 . LEU A 1 74 ? 3.490   -3.084  9.283   1.00 22.19 ? 738 LEU A CD1 1 
ATOM   530 C CD2 . LEU A 1 74 ? 3.979   -5.331  10.251  1.00 23.43 ? 738 LEU A CD2 1 
ATOM   531 N N   . LEU A 1 75 ? 5.419   -6.294  5.168   1.00 24.21 ? 739 LEU A N   1 
ATOM   532 C CA  . LEU A 1 75 ? 5.131   -7.003  3.930   1.00 27.04 ? 739 LEU A CA  1 
ATOM   533 C C   . LEU A 1 75 ? 5.927   -8.299  3.707   1.00 29.40 ? 739 LEU A C   1 
ATOM   534 O O   . LEU A 1 75 ? 5.370   -9.292  3.247   1.00 30.77 ? 739 LEU A O   1 
ATOM   535 C CB  . LEU A 1 75 ? 5.318   -6.057  2.735   1.00 26.77 ? 739 LEU A CB  1 
ATOM   536 C CG  . LEU A 1 75 ? 4.261   -4.955  2.611   1.00 24.57 ? 739 LEU A CG  1 
ATOM   537 C CD1 . LEU A 1 75 ? 4.702   -3.909  1.603   1.00 22.36 ? 739 LEU A CD1 1 
ATOM   538 C CD2 . LEU A 1 75 ? 2.941   -5.569  2.192   1.00 24.96 ? 739 LEU A CD2 1 
ATOM   539 N N   . GLN A 1 76 ? 7.217   -8.303  4.028   1.00 31.34 ? 740 GLN A N   1 
ATOM   540 C CA  . GLN A 1 76 ? 8.029   -9.503  3.827   1.00 34.84 ? 740 GLN A CA  1 
ATOM   541 C C   . GLN A 1 76 ? 7.876   -10.517 4.962   1.00 36.57 ? 740 GLN A C   1 
ATOM   542 O O   . GLN A 1 76 ? 8.461   -11.597 4.928   1.00 36.15 ? 740 GLN A O   1 
ATOM   543 C CB  . GLN A 1 76 ? 9.505   -9.117  3.655   1.00 35.47 ? 740 GLN A CB  1 
ATOM   544 C CG  . GLN A 1 76 ? 10.113  -8.391  4.843   1.00 37.61 ? 740 GLN A CG  1 
ATOM   545 C CD  . GLN A 1 76 ? 10.552  -9.334  5.946   1.00 40.49 ? 740 GLN A CD  1 
ATOM   546 O OE1 . GLN A 1 76 ? 11.453  -10.157 5.754   1.00 40.92 ? 740 GLN A OE1 1 
ATOM   547 N NE2 . GLN A 1 76 ? 9.921   -9.219  7.114   1.00 40.59 ? 740 GLN A NE2 1 
ATOM   548 N N   . MET A 1 77 ? 7.068   -10.169 5.957   1.00 39.24 ? 741 MET A N   1 
ATOM   549 C CA  . MET A 1 77 ? 6.839   -11.034 7.109   1.00 42.15 ? 741 MET A CA  1 
ATOM   550 C C   . MET A 1 77 ? 5.360   -11.371 7.189   1.00 43.49 ? 741 MET A C   1 
ATOM   551 O O   . MET A 1 77 ? 4.899   -11.905 8.190   1.00 44.44 ? 741 MET A O   1 
ATOM   552 C CB  . MET A 1 77 ? 7.229   -10.294 8.390   1.00 43.64 ? 741 MET A CB  1 
ATOM   553 C CG  . MET A 1 77 ? 7.966   -11.120 9.429   1.00 46.39 ? 741 MET A CG  1 
ATOM   554 S SD  . MET A 1 77 ? 9.703   -11.375 8.990   1.00 47.27 ? 741 MET A SD  1 
ATOM   555 C CE  . MET A 1 77 ? 9.574   -12.959 8.117   1.00 49.09 ? 741 MET A CE  1 
ATOM   556 N N   . ALA A 1 78 ? 4.626   -11.062 6.124   1.00 44.36 ? 742 ALA A N   1 
ATOM   557 C CA  . ALA A 1 78 ? 3.176   -11.252 6.079   1.00 44.43 ? 742 ALA A CA  1 
ATOM   558 C C   . ALA A 1 78 ? 2.563   -12.666 6.155   1.00 44.24 ? 742 ALA A C   1 
ATOM   559 O O   . ALA A 1 78 ? 1.672   -12.914 6.982   1.00 45.59 ? 742 ALA A O   1 
ATOM   560 C CB  . ALA A 1 78 ? 2.624   -10.522 4.852   1.00 44.66 ? 742 ALA A CB  1 
ATOM   561 N N   . GLY A 1 79 ? 3.024   -13.583 5.301   1.00 42.61 ? 743 GLY A N   1 
ATOM   562 C CA  . GLY A 1 79 ? 2.464   -14.931 5.274   1.00 39.90 ? 743 GLY A CA  1 
ATOM   563 C C   . GLY A 1 79 ? 1.741   -15.127 3.949   1.00 37.77 ? 743 GLY A C   1 
ATOM   564 O O   . GLY A 1 79 ? 1.765   -14.234 3.104   1.00 37.25 ? 743 GLY A O   1 
ATOM   565 N N   . GLU A 1 80 ? 1.088   -16.270 3.761   1.00 35.76 ? 744 GLU A N   1 
ATOM   566 C CA  . GLU A 1 80 ? 0.386   -16.552 2.505   1.00 34.09 ? 744 GLU A CA  1 
ATOM   567 C C   . GLU A 1 80 ? -0.697  -15.560 2.101   1.00 31.25 ? 744 GLU A C   1 
ATOM   568 O O   . GLU A 1 80 ? -0.984  -15.397 0.915   1.00 30.10 ? 744 GLU A O   1 
ATOM   569 C CB  . GLU A 1 80 ? -0.219  -17.954 2.528   1.00 36.58 ? 744 GLU A CB  1 
ATOM   570 C CG  . GLU A 1 80 ? 0.786   -19.065 2.285   1.00 40.10 ? 744 GLU A CG  1 
ATOM   571 C CD  . GLU A 1 80 ? 0.112   -20.383 1.921   1.00 42.05 ? 744 GLU A CD  1 
ATOM   572 O OE1 . GLU A 1 80 ? 0.838   -21.377 1.686   1.00 44.71 ? 744 GLU A OE1 1 
ATOM   573 O OE2 . GLU A 1 80 ? -1.142  -20.425 1.867   1.00 43.88 ? 744 GLU A OE2 1 
ATOM   574 N N   . THR A 1 81 ? -1.323  -14.918 3.079   1.00 28.94 ? 745 THR A N   1 
ATOM   575 C CA  . THR A 1 81 ? -2.340  -13.927 2.763   1.00 27.83 ? 745 THR A CA  1 
ATOM   576 C C   . THR A 1 81 ? -1.912  -12.595 3.360   1.00 25.32 ? 745 THR A C   1 
ATOM   577 O O   . THR A 1 81 ? -1.266  -12.548 4.408   1.00 26.83 ? 745 THR A O   1 
ATOM   578 C CB  . THR A 1 81 ? -3.733  -14.309 3.315   1.00 29.97 ? 745 THR A CB  1 
ATOM   579 O OG1 . THR A 1 81 ? -3.681  -14.378 4.743   1.00 32.94 ? 745 THR A OG1 1 
ATOM   580 C CG2 . THR A 1 81 ? -4.186  -15.644 2.741   1.00 30.58 ? 745 THR A CG2 1 
ATOM   581 N N   . VAL A 1 82 ? -2.249  -11.517 2.666   1.00 21.49 ? 746 VAL A N   1 
ATOM   582 C CA  . VAL A 1 82 ? -1.901  -10.183 3.116   1.00 19.39 ? 746 VAL A CA  1 
ATOM   583 C C   . VAL A 1 82 ? -3.134  -9.302  3.026   1.00 17.57 ? 746 VAL A C   1 
ATOM   584 O O   . VAL A 1 82 ? -3.801  -9.247  1.994   1.00 16.91 ? 746 VAL A O   1 
ATOM   585 C CB  . VAL A 1 82 ? -0.784  -9.568  2.246   1.00 17.45 ? 746 VAL A CB  1 
ATOM   586 C CG1 . VAL A 1 82 ? -0.403  -8.193  2.775   1.00 20.13 ? 746 VAL A CG1 1 
ATOM   587 C CG2 . VAL A 1 82 ? 0.421   -10.478 2.230   1.00 22.53 ? 746 VAL A CG2 1 
ATOM   588 N N   . THR A 1 83 ? -3.436  -8.620  4.121   1.00 17.05 ? 747 THR A N   1 
ATOM   589 C CA  . THR A 1 83 ? -4.579  -7.736  4.182   1.00 17.40 ? 747 THR A CA  1 
ATOM   590 C C   . THR A 1 83 ? -4.053  -6.308  4.186   1.00 17.95 ? 747 THR A C   1 
ATOM   591 O O   . THR A 1 83 ? -3.196  -5.957  5.002   1.00 20.35 ? 747 THR A O   1 
ATOM   592 C CB  . THR A 1 83 ? -5.390  -8.002  5.453   1.00 19.28 ? 747 THR A CB  1 
ATOM   593 O OG1 . THR A 1 83 ? -5.878  -9.349  5.420   1.00 19.85 ? 747 THR A OG1 1 
ATOM   594 C CG2 . THR A 1 83 ? -6.567  -7.057  5.549   1.00 20.52 ? 747 THR A CG2 1 
ATOM   595 N N   . LEU A 1 84 ? -4.555  -5.491  3.266   1.00 14.91 ? 748 LEU A N   1 
ATOM   596 C CA  . LEU A 1 84 ? -4.121  -4.103  3.168   1.00 14.69 ? 748 LEU A CA  1 
ATOM   597 C C   . LEU A 1 84 ? -5.289  -3.150  3.354   1.00 13.99 ? 748 LEU A C   1 
ATOM   598 O O   . LEU A 1 84 ? -6.300  -3.266  2.668   1.00 15.21 ? 748 LEU A O   1 
ATOM   599 C CB  . LEU A 1 84 ? -3.499  -3.839  1.795   1.00 13.62 ? 748 LEU A CB  1 
ATOM   600 C CG  . LEU A 1 84 ? -2.296  -4.668  1.341   1.00 14.86 ? 748 LEU A CG  1 
ATOM   601 C CD1 . LEU A 1 84 ? -2.040  -4.374  -0.127  1.00 17.86 ? 748 LEU A CD1 1 
ATOM   602 C CD2 . LEU A 1 84 ? -1.067  -4.358  2.191   1.00 14.31 ? 748 LEU A CD2 1 
ATOM   603 N N   . LYS A 1 85 ? -5.155  -2.218  4.291   1.00 14.66 ? 749 LYS A N   1 
ATOM   604 C CA  . LYS A 1 85 ? -6.194  -1.216  4.515   1.00 13.31 ? 749 LYS A CA  1 
ATOM   605 C C   . LYS A 1 85 ? -5.712  -0.055  3.650   1.00 14.46 ? 749 LYS A C   1 
ATOM   606 O O   . LYS A 1 85 ? -4.593  0.432   3.812   1.00 14.49 ? 749 LYS A O   1 
ATOM   607 C CB  . LYS A 1 85 ? -6.259  -0.816  5.985   1.00 15.05 ? 749 LYS A CB  1 
ATOM   608 C CG  . LYS A 1 85 ? -7.439  0.070   6.323   1.00 17.88 ? 749 LYS A CG  1 
ATOM   609 C CD  . LYS A 1 85 ? -7.455  0.392   7.812   1.00 23.63 ? 749 LYS A CD  1 
ATOM   610 C CE  . LYS A 1 85 ? -8.635  1.272   8.184   1.00 26.67 ? 749 LYS A CE  1 
ATOM   611 N NZ  . LYS A 1 85 ? -8.575  1.667   9.615   1.00 29.50 ? 749 LYS A NZ  1 
ATOM   612 N N   . ILE A 1 86 ? -6.559  0.372   2.724   1.00 14.01 ? 750 ILE A N   1 
ATOM   613 C CA  . ILE A 1 86 ? -6.201  1.412   1.766   1.00 14.03 ? 750 ILE A CA  1 
ATOM   614 C C   . ILE A 1 86 ? -7.122  2.627   1.739   1.00 13.90 ? 750 ILE A C   1 
ATOM   615 O O   . ILE A 1 86 ? -8.338  2.501   1.862   1.00 14.77 ? 750 ILE A O   1 
ATOM   616 C CB  . ILE A 1 86 ? -6.186  0.812   0.348   1.00 14.97 ? 750 ILE A CB  1 
ATOM   617 C CG1 . ILE A 1 86 ? -5.232  -0.383  0.307   1.00 17.60 ? 750 ILE A CG1 1 
ATOM   618 C CG2 . ILE A 1 86 ? -5.806  1.870   -0.677  1.00 17.91 ? 750 ILE A CG2 1 
ATOM   619 C CD1 . ILE A 1 86 ? -5.259  -1.128  -1.010  1.00 21.63 ? 750 ILE A CD1 1 
ATOM   620 N N   . LYS A 1 87 ? -6.525  3.803   1.569   1.00 15.52 ? 751 LYS A N   1 
ATOM   621 C CA  . LYS A 1 87 ? -7.288  5.043   1.467   1.00 16.80 ? 751 LYS A CA  1 
ATOM   622 C C   . LYS A 1 87 ? -7.108  5.571   0.039   1.00 15.98 ? 751 LYS A C   1 
ATOM   623 O O   . LYS A 1 87 ? -5.980  5.708   -0.443  1.00 16.59 ? 751 LYS A O   1 
ATOM   624 C CB  . LYS A 1 87 ? -6.790  6.073   2.486   1.00 17.15 ? 751 LYS A CB  1 
ATOM   625 C CG  . LYS A 1 87 ? -7.591  7.371   2.472   1.00 21.36 ? 751 LYS A CG  1 
ATOM   626 C CD  . LYS A 1 87 ? -7.231  8.287   3.637   1.00 23.75 ? 751 LYS A CD  1 
ATOM   627 C CE  . LYS A 1 87 ? -8.191  9.464   3.712   1.00 27.80 ? 751 LYS A CE  1 
ATOM   628 N NZ  . LYS A 1 87 ? -8.017  10.262  4.965   1.00 28.31 ? 751 LYS A NZ  1 
ATOM   629 N N   . LYS A 1 88 ? -8.217  5.845   -0.644  1.00 16.42 ? 752 LYS A N   1 
ATOM   630 C CA  . LYS A 1 88 ? -8.147  6.343   -2.013  1.00 17.94 ? 752 LYS A CA  1 
ATOM   631 C C   . LYS A 1 88 ? -7.524  7.730   -2.060  1.00 19.44 ? 752 LYS A C   1 
ATOM   632 O O   . LYS A 1 88 ? -7.790  8.565   -1.201  1.00 20.51 ? 752 LYS A O   1 
ATOM   633 C CB  . LYS A 1 88 ? -9.540  6.396   -2.647  1.00 17.32 ? 752 LYS A CB  1 
ATOM   634 C CG  . LYS A 1 88 ? -10.244 5.051   -2.761  1.00 18.47 ? 752 LYS A CG  1 
ATOM   635 C CD  . LYS A 1 88 ? -9.457  4.035   -3.593  1.00 18.55 ? 752 LYS A CD  1 
ATOM   636 C CE  . LYS A 1 88 ? -9.226  4.510   -5.019  1.00 19.69 ? 752 LYS A CE  1 
ATOM   637 N NZ  . LYS A 1 88 ? -8.655  3.433   -5.891  1.00 17.72 ? 752 LYS A NZ  1 
ATOM   638 N N   . GLN A 1 89 ? -6.682  7.957   -3.065  1.00 22.10 ? 753 GLN A N   1 
ATOM   639 C CA  . GLN A 1 89 ? -6.031  9.247   -3.241  1.00 26.29 ? 753 GLN A CA  1 
ATOM   640 C C   . GLN A 1 89 ? -7.112  10.259  -3.579  1.00 28.74 ? 753 GLN A C   1 
ATOM   641 O O   . GLN A 1 89 ? -8.165  9.907   -4.111  1.00 26.98 ? 753 GLN A O   1 
ATOM   642 C CB  . GLN A 1 89 ? -5.034  9.191   -4.386  1.00 29.72 ? 753 GLN A CB  1 
ATOM   643 C CG  . GLN A 1 89 ? -5.699  8.959   -5.714  1.00 32.35 ? 753 GLN A CG  1 
ATOM   644 C CD  . GLN A 1 89 ? -4.701  8.760   -6.822  1.00 34.28 ? 753 GLN A CD  1 
ATOM   645 O OE1 . GLN A 1 89 ? -3.896  9.652   -7.124  1.00 34.25 ? 753 GLN A OE1 1 
ATOM   646 N NE2 . GLN A 1 89 ? -4.737  7.579   -7.442  1.00 36.47 ? 753 GLN A NE2 1 
ATOM   647 N N   . THR A 1 90 ? -6.833  11.519  -3.290  1.00 32.04 ? 754 THR A N   1 
ATOM   648 C CA  . THR A 1 90 ? -7.789  12.581  -3.528  1.00 37.14 ? 754 THR A CA  1 
ATOM   649 C C   . THR A 1 90 ? -7.369  13.500  -4.660  1.00 39.53 ? 754 THR A C   1 
ATOM   650 O O   . THR A 1 90 ? -6.371  13.261  -5.341  1.00 39.88 ? 754 THR A O   1 
ATOM   651 C CB  . THR A 1 90 ? -7.958  13.421  -2.262  1.00 37.87 ? 754 THR A CB  1 
ATOM   652 O OG1 . THR A 1 90 ? -6.671  13.915  -1.850  1.00 39.48 ? 754 THR A OG1 1 
ATOM   653 C CG2 . THR A 1 90 ? -8.565  12.576  -1.143  1.00 39.08 ? 754 THR A CG2 1 
ATOM   654 N N   . ASP A 1 91 ? -8.148  14.563  -4.835  1.00 43.15 ? 755 ASP A N   1 
ATOM   655 C CA  . ASP A 1 91 ? -7.925  15.584  -5.861  1.00 46.03 ? 755 ASP A CA  1 
ATOM   656 C C   . ASP A 1 91 ? -6.800  16.552  -5.467  1.00 46.79 ? 755 ASP A C   1 
ATOM   657 O O   . ASP A 1 91 ? -7.055  17.709  -5.120  1.00 47.42 ? 755 ASP A O   1 
ATOM   658 C CB  . ASP A 1 91 ? -9.221  16.371  -6.059  1.00 47.31 ? 755 ASP A CB  1 
ATOM   659 C CG  . ASP A 1 91 ? -9.890  16.726  -4.732  1.00 49.36 ? 755 ASP A CG  1 
ATOM   660 O OD1 . ASP A 1 91 ? -9.167  17.154  -3.801  1.00 49.84 ? 755 ASP A OD1 1 
ATOM   661 O OD2 . ASP A 1 91 ? -11.132 16.581  -4.618  1.00 50.55 ? 755 ASP A OD2 1 
ATOM   662 N N   . ALA A 1 92 ? -5.557  16.087  -5.527  1.00 47.73 ? 756 ALA A N   1 
ATOM   663 C CA  . ALA A 1 92 ? -4.429  16.935  -5.160  1.00 48.34 ? 756 ALA A CA  1 
ATOM   664 C C   . ALA A 1 92 ? -3.759  17.532  -6.393  1.00 48.37 ? 756 ALA A C   1 
ATOM   665 O O   . ALA A 1 92 ? -3.260  16.799  -7.246  1.00 49.08 ? 756 ALA A O   1 
ATOM   666 C CB  . ALA A 1 92 ? -3.422  16.133  -4.351  1.00 48.66 ? 756 ALA A CB  1 
ATOM   667 N N   . GLN A 1 93 ? -3.746  18.863  -6.474  1.00 47.82 ? 757 GLN A N   1 
ATOM   668 C CA  . GLN A 1 93 ? -3.141  19.582  -7.602  1.00 46.61 ? 757 GLN A CA  1 
ATOM   669 C C   . GLN A 1 93 ? -2.026  20.513  -7.117  1.00 43.41 ? 757 GLN A C   1 
ATOM   670 O O   . GLN A 1 93 ? -2.184  21.202  -6.111  1.00 43.38 ? 757 GLN A O   1 
ATOM   671 C CB  . GLN A 1 93 ? -4.209  20.400  -8.335  1.00 49.58 ? 757 GLN A CB  1 
ATOM   672 C CG  . GLN A 1 93 ? -3.793  20.909  -9.703  0.00 53.81 ? 757 GLN A CG  1 
ATOM   673 C CD  . GLN A 1 93 ? -4.869  21.764  -10.334 0.00 56.08 ? 757 GLN A CD  1 
ATOM   674 O OE1 . GLN A 1 93 ? -6.057  21.465  -10.219 0.00 57.61 ? 757 GLN A OE1 1 
ATOM   675 N NE2 . GLN A 1 93 ? -4.462  22.829  -11.013 0.00 57.61 ? 757 GLN A NE2 1 
ATOM   676 N N   . PRO A 1 94 ? -0.885  20.544  -7.829  1.00 40.07 ? 758 PRO A N   1 
ATOM   677 C CA  . PRO A 1 94 ? 0.270   21.384  -7.485  1.00 36.88 ? 758 PRO A CA  1 
ATOM   678 C C   . PRO A 1 94 ? -0.046  22.880  -7.515  1.00 33.93 ? 758 PRO A C   1 
ATOM   679 O O   . PRO A 1 94 ? -0.686  23.368  -8.449  1.00 32.86 ? 758 PRO A O   1 
ATOM   680 C CB  . PRO A 1 94 ? 1.301   21.000  -8.543  1.00 38.09 ? 758 PRO A CB  1 
ATOM   681 C CG  . PRO A 1 94 ? 0.965   19.577  -8.834  1.00 40.05 ? 758 PRO A CG  1 
ATOM   682 C CD  . PRO A 1 94 ? -0.545  19.644  -8.943  1.00 40.25 ? 758 PRO A CD  1 
ATOM   683 N N   . ALA A 1 95 ? 0.410   23.605  -6.497  1.00 29.67 ? 759 ALA A N   1 
ATOM   684 C CA  . ALA A 1 95 ? 0.166   25.039  -6.412  1.00 26.64 ? 759 ALA A CA  1 
ATOM   685 C C   . ALA A 1 95 ? 1.437   25.833  -6.684  1.00 26.13 ? 759 ALA A C   1 
ATOM   686 O O   . ALA A 1 95 ? 2.475   25.589  -6.066  1.00 24.52 ? 759 ALA A O   1 
ATOM   687 C CB  . ALA A 1 95 ? -0.382  25.394  -5.042  1.00 26.03 ? 759 ALA A CB  1 
ATOM   688 N N   . SER A 1 96 ? 1.348   26.786  -7.610  1.00 26.04 ? 760 SER A N   1 
ATOM   689 C CA  . SER A 1 96 ? 2.488   27.624  -7.967  1.00 26.07 ? 760 SER A CA  1 
ATOM   690 C C   . SER A 1 96 ? 2.446   28.954  -7.214  1.00 26.96 ? 760 SER A C   1 
ATOM   691 O O   . SER A 1 96 ? 1.368   29.521  -7.000  1.00 26.68 ? 760 SER A O   1 
ATOM   692 C CB  . SER A 1 96 ? 2.500   27.877  -9.474  1.00 27.77 ? 760 SER A CB  1 
ATOM   693 O OG  . SER A 1 96 ? 2.638   26.663  -10.199 1.00 28.38 ? 760 SER A OG  1 
ATOM   694 N N   . SER A 1 97 ? 3.616   29.444  -6.809  1.00 26.02 ? 761 SER A N   1 
ATOM   695 C CA  . SER A 1 97 ? 3.698   30.707  -6.084  1.00 27.02 ? 761 SER A CA  1 
ATOM   696 C C   . SER A 1 97 ? 4.956   31.491  -6.462  1.00 26.81 ? 761 SER A C   1 
ATOM   697 O O   . SER A 1 97 ? 5.139   32.597  -5.908  1.00 27.69 ? 761 SER A O   1 
ATOM   698 C CB  . SER A 1 97 ? 3.696   30.454  -4.576  1.00 28.46 ? 761 SER A CB  1 
ATOM   699 O OG  . SER A 1 97 ? 4.919   29.868  -4.171  1.00 31.07 ? 761 SER A OG  1 
ATOM   700 O OXT . SER A 1 97 ? 5.738   30.997  -7.307  1.00 24.75 ? 761 SER A OXT 1 
HETATM 701 O O   . HOH B 2 .  ? 0.789   -6.417  -9.799  1.00 15.29 ? 1   HOH A O   1 
HETATM 702 O O   . HOH B 2 .  ? -5.504  0.856   -4.179  1.00 17.90 ? 2   HOH A O   1 
HETATM 703 O O   . HOH B 2 .  ? -4.326  -15.156 -5.357  1.00 20.86 ? 3   HOH A O   1 
HETATM 704 O O   . HOH B 2 .  ? -5.039  -3.469  -9.741  1.00 16.98 ? 4   HOH A O   1 
HETATM 705 O O   . HOH B 2 .  ? 6.586   7.109   4.062   1.00 22.28 ? 5   HOH A O   1 
HETATM 706 O O   . HOH B 2 .  ? 5.280   9.314   0.649   1.00 23.63 ? 6   HOH A O   1 
HETATM 707 O O   . HOH B 2 .  ? 5.475   -4.033  -8.090  1.00 23.21 ? 7   HOH A O   1 
HETATM 708 O O   . HOH B 2 .  ? -15.379 1.575   2.000   1.00 18.37 ? 8   HOH A O   1 
HETATM 709 O O   . HOH B 2 .  ? 0.478   5.493   4.951   1.00 25.38 ? 9   HOH A O   1 
HETATM 710 O O   . HOH B 2 .  ? 12.676  -2.768  6.169   1.00 19.53 ? 10  HOH A O   1 
HETATM 711 O O   . HOH B 2 .  ? 12.045  1.141   11.566  1.00 24.90 ? 11  HOH A O   1 
HETATM 712 O O   . HOH B 2 .  ? -14.516 5.138   3.719   1.00 27.66 ? 12  HOH A O   1 
HETATM 713 O O   . HOH B 2 .  ? -4.735  -4.487  7.491   1.00 23.94 ? 13  HOH A O   1 
HETATM 714 O O   . HOH B 2 .  ? 8.984   -2.855  14.360  1.00 24.02 ? 14  HOH A O   1 
HETATM 715 O O   . HOH B 2 .  ? -10.006 9.134   -0.004  1.00 25.67 ? 15  HOH A O   1 
HETATM 716 O O   . HOH B 2 .  ? 2.837   -1.167  12.626  1.00 27.88 ? 16  HOH A O   1 
HETATM 717 O O   . HOH B 2 .  ? 2.551   -10.982 -8.152  1.00 20.74 ? 17  HOH A O   1 
HETATM 718 O O   . HOH B 2 .  ? -9.203  3.967   -8.660  1.00 33.55 ? 18  HOH A O   1 
HETATM 719 O O   . HOH B 2 .  ? 7.383   2.621   -8.432  1.00 27.92 ? 19  HOH A O   1 
HETATM 720 O O   . HOH B 2 .  ? -3.033  1.610   -10.959 1.00 27.82 ? 20  HOH A O   1 
HETATM 721 O O   . HOH B 2 .  ? 12.917  -6.493  7.921   1.00 26.82 ? 21  HOH A O   1 
HETATM 722 O O   . HOH B 2 .  ? 4.278   7.006   7.909   1.00 22.04 ? 22  HOH A O   1 
HETATM 723 O O   . HOH B 2 .  ? -6.848  -3.818  8.416   1.00 30.23 ? 23  HOH A O   1 
HETATM 724 O O   . HOH B 2 .  ? 0.752   11.699  6.574   1.00 29.17 ? 24  HOH A O   1 
HETATM 725 O O   . HOH B 2 .  ? 0.954   2.729   14.115  1.00 29.80 ? 25  HOH A O   1 
HETATM 726 O O   . HOH B 2 .  ? 5.747   8.478   -1.710  1.00 30.68 ? 26  HOH A O   1 
HETATM 727 O O   . HOH B 2 .  ? 2.356   0.586   -12.673 1.00 28.29 ? 27  HOH A O   1 
HETATM 728 O O   . HOH B 2 .  ? 5.019   -14.961 -0.653  1.00 32.45 ? 28  HOH A O   1 
HETATM 729 O O   . HOH B 2 .  ? 0.693   24.774  -10.495 1.00 31.52 ? 29  HOH A O   1 
HETATM 730 O O   . HOH B 2 .  ? -8.552  -1.903  -12.216 1.00 32.40 ? 30  HOH A O   1 
HETATM 731 O O   . HOH B 2 .  ? 1.525   -13.397 -9.583  1.00 35.68 ? 31  HOH A O   1 
HETATM 732 O O   . HOH B 2 .  ? -3.961  -11.383 6.307   1.00 33.29 ? 32  HOH A O   1 
HETATM 733 O O   . HOH B 2 .  ? 1.922   -14.172 -6.021  1.00 26.97 ? 33  HOH A O   1 
HETATM 734 O O   . HOH B 2 .  ? 2.497   -5.117  14.645  1.00 28.94 ? 34  HOH A O   1 
HETATM 735 O O   . HOH B 2 .  ? -9.261  -3.037  8.010   1.00 31.07 ? 35  HOH A O   1 
HETATM 736 O O   . HOH B 2 .  ? -9.163  8.098   -5.896  1.00 29.37 ? 36  HOH A O   1 
HETATM 737 O O   . HOH B 2 .  ? 6.814   7.236   6.679   1.00 24.25 ? 37  HOH A O   1 
HETATM 738 O O   . HOH B 2 .  ? 7.031   11.077  1.646   1.00 28.66 ? 38  HOH A O   1 
HETATM 739 O O   . HOH B 2 .  ? 2.815   -8.672  8.475   1.00 31.15 ? 39  HOH A O   1 
HETATM 740 O O   . HOH B 2 .  ? -4.941  8.933   -0.018  1.00 25.09 ? 40  HOH A O   1 
HETATM 741 O O   . HOH B 2 .  ? 1.506   6.124   7.392   1.00 38.92 ? 41  HOH A O   1 
HETATM 742 O O   . HOH B 2 .  ? 0.383   -7.648  11.806  1.00 48.34 ? 42  HOH A O   1 
HETATM 743 O O   . HOH B 2 .  ? 8.640   -6.195  1.826   1.00 29.60 ? 43  HOH A O   1 
HETATM 744 O O   . HOH B 2 .  ? -9.060  -13.150 0.079   1.00 38.42 ? 44  HOH A O   1 
HETATM 745 O O   . HOH B 2 .  ? 3.378   6.765   -9.018  1.00 35.04 ? 45  HOH A O   1 
HETATM 746 O O   . HOH B 2 .  ? -2.629  -8.174  -15.512 1.00 33.78 ? 46  HOH A O   1 
HETATM 747 O O   . HOH B 2 .  ? -7.288  -18.904 -4.112  1.00 37.52 ? 47  HOH A O   1 
HETATM 748 O O   . HOH B 2 .  ? 3.691   10.960  -1.153  1.00 30.27 ? 48  HOH A O   1 
HETATM 749 O O   . HOH B 2 .  ? -5.384  -8.733  9.221   1.00 37.40 ? 49  HOH A O   1 
HETATM 750 O O   . HOH B 2 .  ? 6.380   -0.234  14.675  1.00 38.76 ? 50  HOH A O   1 
HETATM 751 O O   . HOH B 2 .  ? -1.616  -1.676  14.822  1.00 33.02 ? 51  HOH A O   1 
HETATM 752 O O   . HOH B 2 .  ? -5.297  -10.196 -16.390 1.00 44.07 ? 52  HOH A O   1 
HETATM 753 O O   . HOH B 2 .  ? -6.282  -2.136  10.819  1.00 33.46 ? 53  HOH A O   1 
HETATM 754 O O   . HOH B 2 .  ? 10.149  5.344   -1.571  1.00 30.06 ? 54  HOH A O   1 
HETATM 755 O O   . HOH B 2 .  ? -5.116  -0.065  -11.654 1.00 38.54 ? 55  HOH A O   1 
HETATM 756 O O   . HOH B 2 .  ? -4.083  5.189   -10.208 1.00 36.94 ? 56  HOH A O   1 
HETATM 757 O O   . HOH B 2 .  ? 1.399   8.287   9.405   1.00 30.45 ? 57  HOH A O   1 
HETATM 758 O O   . HOH B 2 .  ? -5.574  -12.438 -14.574 1.00 47.11 ? 58  HOH A O   1 
HETATM 759 O O   . HOH B 2 .  ? 10.231  8.758   -1.480  1.00 38.84 ? 59  HOH A O   1 
HETATM 760 O O   . HOH B 2 .  ? 0.878   -18.077 6.063   1.00 33.85 ? 60  HOH A O   1 
HETATM 761 O O   . HOH B 2 .  ? -3.032  9.142   -1.636  1.00 35.25 ? 61  HOH A O   1 
HETATM 762 O O   . HOH B 2 .  ? 14.214  8.289   3.411   1.00 34.42 ? 62  HOH A O   1 
HETATM 763 O O   . HOH B 2 .  ? 6.491   4.149   16.310  1.00 32.36 ? 63  HOH A O   1 
HETATM 764 O O   . HOH B 2 .  ? 5.798   -9.040  10.566  1.00 38.03 ? 64  HOH A O   1 
HETATM 765 O O   . HOH B 2 .  ? 7.094   6.023   14.930  1.00 41.97 ? 65  HOH A O   1 
HETATM 766 O O   . HOH B 2 .  ? -9.971  -15.770 -0.448  1.00 42.76 ? 66  HOH A O   1 
HETATM 767 O O   . HOH B 2 .  ? -5.871  -4.065  -13.847 1.00 42.25 ? 67  HOH A O   1 
HETATM 768 O O   . HOH B 2 .  ? -0.051  -13.056 -11.553 1.00 39.92 ? 68  HOH A O   1 
HETATM 769 O O   . HOH B 2 .  ? -7.645  -10.960 -13.908 1.00 36.70 ? 69  HOH A O   1 
HETATM 770 O O   . HOH B 2 .  ? 1.672   -22.338 4.757   1.00 51.81 ? 70  HOH A O   1 
HETATM 771 O O   . HOH B 2 .  ? -2.599  -15.823 -7.897  1.00 38.14 ? 71  HOH A O   1 
HETATM 772 O O   . HOH B 2 .  ? -4.734  -2.505  -12.262 1.00 34.67 ? 72  HOH A O   1 
HETATM 773 O O   . HOH B 2 .  ? -5.353  14.085  -8.095  1.00 50.59 ? 73  HOH A O   1 
HETATM 774 O O   . HOH B 2 .  ? 5.427   -1.201  12.309  1.00 45.67 ? 74  HOH A O   1 
HETATM 775 O O   . HOH B 2 .  ? -4.402  12.263  -1.863  1.00 36.37 ? 75  HOH A O   1 
HETATM 776 O O   . HOH B 2 .  ? 6.086   14.928  9.634   1.00 39.66 ? 76  HOH A O   1 
HETATM 777 O O   . HOH B 2 .  ? 1.328   -2.494  -16.479 1.00 41.15 ? 78  HOH A O   1 
HETATM 778 O O   . HOH B 2 .  ? -7.043  5.034   -9.620  1.00 42.67 ? 79  HOH A O   1 
HETATM 779 O O   . HOH B 2 .  ? -1.333  -15.926 5.699   1.00 41.24 ? 80  HOH A O   1 
HETATM 780 O O   . HOH B 2 .  ? -0.780  9.837   -4.416  1.00 33.50 ? 81  HOH A O   1 
HETATM 781 O O   . HOH B 2 .  ? 8.025   -19.086 -2.318  1.00 44.65 ? 82  HOH A O   1 
HETATM 782 O O   . HOH B 2 .  ? -1.886  -6.107  14.211  1.00 52.24 ? 83  HOH A O   1 
HETATM 783 O O   . HOH B 2 .  ? 11.897  13.894  7.335   1.00 49.80 ? 84  HOH A O   1 
HETATM 784 O O   . HOH B 2 .  ? -0.436  0.575   -12.645 1.00 41.86 ? 85  HOH A O   1 
HETATM 785 O O   . HOH B 2 .  ? -1.675  -1.416  -13.475 1.00 45.77 ? 86  HOH A O   1 
HETATM 786 O O   . HOH B 2 .  ? 7.251   4.957   -9.491  1.00 43.88 ? 87  HOH A O   1 
HETATM 787 O O   . HOH B 2 .  ? 11.199  6.939   11.849  1.00 37.31 ? 89  HOH A O   1 
HETATM 788 O O   . HOH B 2 .  ? 12.970  -6.408  3.240   1.00 33.17 ? 90  HOH A O   1 
HETATM 789 O O   . HOH B 2 .  ? 0.156   -15.068 -7.826  1.00 39.80 ? 91  HOH A O   1 
HETATM 790 O O   . HOH B 2 .  ? 12.948  -3.859  -0.527  1.00 37.07 ? 92  HOH A O   1 
HETATM 791 O O   . HOH B 2 .  ? -3.720  23.030  -4.896  1.00 38.46 ? 93  HOH A O   1 
HETATM 792 O O   . HOH B 2 .  ? 3.403   -14.715 -10.496 1.00 44.64 ? 94  HOH A O   1 
HETATM 793 O O   . HOH B 2 .  ? 8.003   9.725   -1.810  1.00 37.69 ? 95  HOH A O   1 
HETATM 794 O O   . HOH B 2 .  ? 12.406  9.089   13.389  1.00 37.34 ? 96  HOH A O   1 
HETATM 795 O O   . HOH B 2 .  ? 11.237  6.968   -3.154  1.00 39.43 ? 97  HOH A O   1 
HETATM 796 O O   . HOH B 2 .  ? -0.277  9.193   5.642   1.00 46.08 ? 98  HOH A O   1 
HETATM 797 O O   . HOH B 2 .  ? 2.478   7.328   -6.840  1.00 38.05 ? 99  HOH A O   1 
HETATM 798 O O   . HOH B 2 .  ? -8.513  -9.796  6.254   1.00 46.26 ? 100 HOH A O   1 
HETATM 799 O O   . HOH B 2 .  ? 9.825   -16.368 -1.411  1.00 43.12 ? 101 HOH A O   1 
HETATM 800 O O   . HOH B 2 .  ? -3.331  9.080   6.188   1.00 44.48 ? 102 HOH A O   1 
HETATM 801 O O   . HOH B 2 .  ? 14.085  -1.774  4.451   1.00 40.47 ? 103 HOH A O   1 
HETATM 802 O O   . HOH B 2 .  ? 2.288   7.156   -11.771 1.00 48.16 ? 104 HOH A O   1 
HETATM 803 O O   . HOH B 2 .  ? 0.666   9.470   -6.712  1.00 44.30 ? 105 HOH A O   1 
HETATM 804 O O   . HOH B 2 .  ? 10.109  1.968   -8.693  1.00 34.16 ? 106 HOH A O   1 
HETATM 805 O O   . HOH B 2 .  ? 2.891   4.928   15.902  1.00 50.90 ? 107 HOH A O   1 
HETATM 806 O O   . HOH B 2 .  ? 0.838   -15.328 -14.293 1.00 44.09 ? 108 HOH A O   1 
HETATM 807 O O   . HOH B 2 .  ? -1.364  5.010   8.313   1.00 40.18 ? 109 HOH A O   1 
HETATM 808 O O   . HOH B 2 .  ? 14.661  -8.605  4.088   1.00 45.74 ? 110 HOH A O   1 
HETATM 809 O O   . HOH B 2 .  ? -3.837  3.853   14.076  1.00 44.60 ? 111 HOH A O   1 
HETATM 810 O O   . HOH B 2 .  ? 14.692  5.678   3.985   1.00 65.71 ? 112 HOH A O   1 
HETATM 811 O O   . HOH B 2 .  ? 12.215  11.028  -0.356  1.00 40.16 ? 113 HOH A O   1 
HETATM 812 O O   . HOH B 2 .  ? 11.006  -6.887  1.693   1.00 43.31 ? 114 HOH A O   1 
HETATM 813 O O   . HOH B 2 .  ? 8.186   -8.678  0.329   1.00 44.24 ? 115 HOH A O   1 
HETATM 814 O O   . HOH B 2 .  ? 4.175   -14.805 7.667   1.00 48.04 ? 116 HOH A O   1 
HETATM 815 O O   . HOH B 2 .  ? 10.693  17.139  9.900   1.00 47.13 ? 117 HOH A O   1 
HETATM 816 O O   . HOH B 2 .  ? -5.579  1.976   10.708  1.00 41.32 ? 118 HOH A O   1 
HETATM 817 O O   . HOH B 2 .  ? -1.059  6.930   6.570   1.00 35.59 ? 119 HOH A O   1 
HETATM 818 O O   . HOH B 2 .  ? 10.769  -13.420 3.146   1.00 49.41 ? 120 HOH A O   1 
HETATM 819 O O   . HOH B 2 .  ? 2.530   -8.629  10.961  1.00 42.70 ? 121 HOH A O   1 
HETATM 820 O O   . HOH B 2 .  ? -7.557  -3.844  13.374  1.00 53.26 ? 122 HOH A O   1 
HETATM 821 O O   . HOH B 2 .  ? 4.053   0.084   17.201  1.00 42.14 ? 123 HOH A O   1 
HETATM 822 O O   . HOH B 2 .  ? 14.456  -4.306  2.447   1.00 52.01 ? 124 HOH A O   1 
HETATM 823 O O   . HOH B 2 .  ? -5.825  3.157   -11.295 1.00 43.67 ? 125 HOH A O   1 
HETATM 824 O O   . HOH B 2 .  ? 15.038  8.585   13.372  1.00 45.25 ? 126 HOH A O   1 
HETATM 825 O O   . HOH B 2 .  ? 11.012  19.797  11.856  1.00 45.65 ? 127 HOH A O   1 
HETATM 826 O O   . HOH B 2 .  ? 6.118   -14.130 6.183   1.00 40.45 ? 128 HOH A O   1 
HETATM 827 O O   . HOH B 2 .  ? 7.939   12.628  -0.215  1.00 45.16 ? 129 HOH A O   1 
HETATM 828 O O   . HOH B 2 .  ? 10.342  -4.801  -0.489  1.00 44.17 ? 130 HOH A O   1 
HETATM 829 O O   . HOH B 2 .  ? 0.510   12.079  -7.803  1.00 47.91 ? 131 HOH A O   1 
HETATM 830 O O   . HOH B 2 .  ? -8.722  -18.681 -1.598  1.00 42.32 ? 132 HOH A O   1 
HETATM 831 O O   . HOH B 2 .  ? -0.485  -11.562 10.817  1.00 50.03 ? 133 HOH A O   1 
HETATM 832 O O   . HOH B 2 .  ? 4.053   4.401   -11.623 1.00 41.14 ? 134 HOH A O   1 
HETATM 833 O O   . HOH B 2 .  ? -9.058  14.744  -8.645  1.00 44.51 ? 135 HOH A O   1 
HETATM 834 O O   . HOH B 2 .  ? 13.196  10.817  11.215  1.00 44.27 ? 136 HOH A O   1 
HETATM 835 O O   . HOH B 2 .  ? 3.910   -1.420  -14.474 1.00 49.03 ? 137 HOH A O   1 
HETATM 836 O O   . HOH B 2 .  ? 12.400  -5.635  5.761   1.00 41.75 ? 138 HOH A O   1 
HETATM 837 O O   . HOH B 2 .  ? -7.258  -14.923 6.208   1.00 48.61 ? 139 HOH A O   1 
HETATM 838 O O   . HOH B 2 .  ? -8.665  -20.952 -5.523  1.00 46.90 ? 140 HOH A O   1 
HETATM 839 O O   . HOH B 2 .  ? -8.671  -13.058 -14.710 1.00 54.73 ? 141 HOH A O   1 
HETATM 840 O O   . HOH B 2 .  ? 13.180  11.611  8.671   1.00 45.95 ? 142 HOH A O   1 
HETATM 841 O O   . HOH B 2 .  ? -7.280  -7.056  -14.031 1.00 48.32 ? 143 HOH A O   1 
# 
